data_8BDT
#
_entry.id   8BDT
#
_cell.length_a   82.483
_cell.length_b   82.483
_cell.length_c   169.088
_cell.angle_alpha   90.000
_cell.angle_beta   90.000
_cell.angle_gamma   120.000
#
_symmetry.space_group_name_H-M   'P 32'
#
loop_
_entity.id
_entity.type
_entity.pdbx_description
1 polymer 'Bromodomain-containing protein 4'
2 polymer Elongin-B
3 polymer Elongin-C
4 polymer 'von Hippel-Lindau disease tumor suppressor'
5 non-polymer (2~{S},4~{R})-~{N}-[(1~{S})-3-[2-[2-[2-[2-[2-[(9~{S})-7-(4-chlorophenyl)-4,5,13-trimethyl-3-thia-1,8,11,12-tetrazatricyclo[8.3.0.0^{2,6}]trideca-2(6),4,7,10,12-pentaen-9-yl]ethanoylamino]ethoxy]ethoxy]ethoxy]ethylamino]-1-[4-(4-methyl-1,3-thiazol-5-yl)phenyl]-3-oxidanylidene-propyl]-1-[(2~{R})-3-methyl-2-(3-methyl-1,2-oxazol-5-yl)butanoyl]-4-oxidanyl-pyrrolidine-2-carboxamide
6 non-polymer 'MALONATE ION'
7 water water
#
loop_
_entity_poly.entity_id
_entity_poly.type
_entity_poly.pdbx_seq_one_letter_code
_entity_poly.pdbx_strand_id
1 'polypeptide(L)'
;GKDVPDSQQHPAPEKSSKVSEQLKCCSGILKEMFAKKHAAYAWPFYKPVDVEALGLHDYCDIIKHPMDMSTIKSKLEARE
YRDAQEFGADVRLMFSNCYKYNPPDHEVVAMARKLQDVFEMRFAKMPDE
;
A,E
2 'polypeptide(L)'
;MDVFLMIRRHKTTIFTDAKESSTVFELKRIVEGILKRPPDEQRLYKDDQLLDDGKTLGECGFTSQTARPQAPATVGLAFR
ADDTFEALCIEPFSSPPELPDVMK
;
B,F
3 'polypeptide(L)'
;MMYVKLISSDGHEFIVKREHALTSGTIKAMLSGPGQFAENETNEVNFREIPSHVLSKVCMYFTYKVRYTNSSTEIPEFPI
APEIALELLMAANFLDC
;
C,G
4 'polypeptide(L)'
;GSMEAGRPRPVLRSVNSREPSQVIFCNRSPRVVLPVWLNFDGEPQPYPTLPPGTGRRIHSYRGHLWLFRDAGTHDGLLVN
QTELFVPSLNVDGQPIFANITLPVYTLKERCLQVVRSLVKPENYRRLDIVRSLYEDLEDHPNVQKDLERLTQERIAHQRM
GD
;
D,H
#
loop_
_chem_comp.id
_chem_comp.type
_chem_comp.name
_chem_comp.formula
MLI non-polymer 'MALONATE ION' 'C3 H2 O4 -2'
QLX non-polymer (2~{S},4~{R})-~{N}-[(1~{S})-3-[2-[2-[2-[2-[2-[(9~{S})-7-(4-chlorophenyl)-4,5,13-trimethyl-3-thia-1,8,11,12-tetrazatricyclo[8.3.0.0^{2,6}]trideca-2(6),4,7,10,12-pentaen-9-yl]ethanoylamino]ethoxy]ethoxy]ethoxy]ethylamino]-1-[4-(4-methyl-1,3-thiazol-5-yl)phenyl]-3-oxidanylidene-propyl]-1-[(2~{R})-3-methyl-2-(3-methyl-1,2-oxazol-5-yl)butanoyl]-4-oxidanyl-pyrrolidine-2-carboxamide 'C54 H65 Cl N10 O9 S2'
#
# COMPACT_ATOMS: atom_id res chain seq x y z
N SER A 20 31.16 39.45 -4.61
CA SER A 20 31.73 38.27 -3.86
C SER A 20 31.89 38.67 -2.38
N GLU A 21 32.36 39.90 -2.12
CA GLU A 21 32.22 40.54 -0.78
C GLU A 21 30.71 40.63 -0.50
N GLN A 22 29.99 41.27 -1.41
CA GLN A 22 28.56 41.55 -1.13
C GLN A 22 27.73 40.29 -1.29
N LEU A 23 28.16 39.32 -2.08
CA LEU A 23 27.43 38.05 -2.19
C LEU A 23 27.49 37.26 -0.89
N LYS A 24 28.61 37.38 -0.15
CA LYS A 24 28.71 36.77 1.19
C LYS A 24 27.66 37.39 2.13
N CYS A 25 27.45 38.68 2.00
CA CYS A 25 26.47 39.41 2.82
C CYS A 25 25.07 38.91 2.46
N CYS A 26 24.80 38.69 1.17
CA CYS A 26 23.49 38.14 0.74
C CYS A 26 23.20 36.78 1.39
N SER A 27 24.25 36.01 1.56
CA SER A 27 24.18 34.69 2.21
C SER A 27 23.81 34.88 3.67
N GLY A 28 24.34 35.90 4.31
CA GLY A 28 24.01 36.21 5.71
C GLY A 28 22.55 36.56 5.85
N ILE A 29 21.99 37.24 4.86
CA ILE A 29 20.59 37.68 4.92
C ILE A 29 19.70 36.44 4.89
N LEU A 30 19.97 35.55 3.97
CA LEU A 30 19.18 34.31 3.81
C LEU A 30 19.26 33.48 5.09
N LYS A 31 20.45 33.45 5.69
CA LYS A 31 20.68 32.73 6.96
C LYS A 31 19.70 33.25 8.00
N GLU A 32 19.50 34.54 8.03
CA GLU A 32 18.58 35.17 9.00
C GLU A 32 17.14 34.75 8.73
N MET A 33 16.76 34.73 7.45
CA MET A 33 15.41 34.35 7.02
C MET A 33 15.12 32.90 7.42
N PHE A 34 16.16 32.08 7.43
CA PHE A 34 16.02 30.64 7.82
C PHE A 34 15.95 30.46 9.36
N ALA A 35 16.26 31.50 10.12
CA ALA A 35 16.43 31.33 11.58
C ALA A 35 15.10 30.96 12.27
N LYS A 36 15.22 30.36 13.44
CA LYS A 36 14.10 29.81 14.24
C LYS A 36 13.20 30.94 14.70
N LYS A 37 13.78 32.11 15.01
CA LYS A 37 12.97 33.25 15.47
C LYS A 37 11.90 33.66 14.47
N HIS A 38 12.26 33.65 13.17
CA HIS A 38 11.30 34.06 12.11
C HIS A 38 10.46 32.87 11.63
N ALA A 39 10.69 31.67 12.14
CA ALA A 39 10.01 30.46 11.63
C ALA A 39 8.50 30.54 11.65
N ALA A 40 7.91 31.23 12.63
CA ALA A 40 6.43 31.24 12.77
C ALA A 40 5.78 31.87 11.53
N TYR A 41 6.53 32.67 10.78
CA TYR A 41 6.00 33.29 9.54
C TYR A 41 6.82 32.90 8.31
N ALA A 42 8.02 32.39 8.48
CA ALA A 42 8.95 32.13 7.35
C ALA A 42 8.71 30.77 6.70
N TRP A 43 8.05 29.84 7.38
CA TRP A 43 8.00 28.41 6.91
C TRP A 43 7.29 28.20 5.58
N PRO A 44 6.30 29.03 5.13
CA PRO A 44 5.68 28.77 3.85
C PRO A 44 6.59 28.99 2.65
N PHE A 45 7.68 29.69 2.86
CA PHE A 45 8.64 30.07 1.78
C PHE A 45 9.92 29.25 1.85
N TYR A 46 10.02 28.36 2.83
CA TYR A 46 11.26 27.56 3.04
C TYR A 46 11.62 26.77 1.78
N LYS A 47 10.61 26.07 1.22
CA LYS A 47 10.79 25.15 0.08
C LYS A 47 9.86 25.57 -1.07
N PRO A 48 10.12 25.12 -2.32
CA PRO A 48 9.22 25.35 -3.42
C PRO A 48 7.76 24.97 -3.20
N VAL A 49 6.88 25.66 -3.89
CA VAL A 49 5.43 25.47 -3.74
C VAL A 49 5.10 24.08 -4.24
N ASP A 50 4.42 23.30 -3.42
CA ASP A 50 4.01 21.93 -3.81
C ASP A 50 2.57 22.02 -4.26
N VAL A 51 2.32 22.11 -5.55
CA VAL A 51 0.91 22.41 -6.00
C VAL A 51 -0.02 21.24 -5.70
N GLU A 52 0.50 20.02 -5.74
CA GLU A 52 -0.32 18.82 -5.41
C GLU A 52 -0.73 18.81 -3.95
N ALA A 53 0.22 18.94 -3.04
CA ALA A 53 -0.03 19.05 -1.58
C ALA A 53 -1.09 20.09 -1.25
N LEU A 54 -0.96 21.22 -1.95
CA LEU A 54 -1.78 22.44 -1.67
C LEU A 54 -3.03 22.47 -2.53
N GLY A 55 -3.08 21.65 -3.58
CA GLY A 55 -4.33 21.41 -4.32
C GLY A 55 -4.69 22.60 -5.19
N LEU A 56 -3.68 23.11 -5.89
CA LEU A 56 -3.75 24.35 -6.67
C LEU A 56 -3.61 23.92 -8.13
N HIS A 57 -4.76 23.93 -8.80
CA HIS A 57 -4.90 23.64 -10.25
C HIS A 57 -4.24 24.73 -11.12
N ASP A 58 -4.11 25.94 -10.62
CA ASP A 58 -3.85 27.12 -11.49
C ASP A 58 -2.58 27.86 -11.13
N TYR A 59 -1.86 27.40 -10.12
CA TYR A 59 -0.66 28.15 -9.64
C TYR A 59 0.32 28.43 -10.79
N CYS A 60 0.78 27.39 -11.46
CA CYS A 60 1.86 27.52 -12.46
C CYS A 60 1.37 28.27 -13.69
N ASP A 61 0.06 28.43 -13.86
CA ASP A 61 -0.45 29.25 -14.99
C ASP A 61 -0.32 30.72 -14.62
N ILE A 62 -0.62 31.06 -13.39
CA ILE A 62 -0.64 32.44 -12.88
C ILE A 62 0.77 32.91 -12.51
N ILE A 63 1.54 32.00 -11.91
CA ILE A 63 2.93 32.32 -11.50
C ILE A 63 3.91 31.81 -12.55
N LYS A 64 4.38 32.70 -13.40
CA LYS A 64 5.19 32.29 -14.57
C LYS A 64 6.58 31.85 -14.12
N HIS A 65 7.12 32.46 -13.05
CA HIS A 65 8.45 32.13 -12.53
C HIS A 65 8.44 31.96 -11.01
N PRO A 66 8.11 30.75 -10.50
CA PRO A 66 8.13 30.49 -9.06
C PRO A 66 9.48 30.66 -8.40
N MET A 67 9.45 30.83 -7.09
CA MET A 67 10.68 30.99 -6.28
C MET A 67 10.40 30.70 -4.80
N ASP A 68 11.46 30.27 -4.13
CA ASP A 68 11.47 29.93 -2.68
C ASP A 68 12.86 30.18 -2.12
N MET A 69 12.97 30.06 -0.79
CA MET A 69 14.25 30.32 -0.10
C MET A 69 15.29 29.26 -0.43
N SER A 70 14.87 28.00 -0.47
CA SER A 70 15.77 26.87 -0.80
C SER A 70 16.38 27.03 -2.19
N THR A 71 15.56 27.40 -3.16
CA THR A 71 16.06 27.60 -4.53
C THR A 71 17.07 28.71 -4.56
N ILE A 72 16.81 29.79 -3.83
CA ILE A 72 17.72 30.96 -3.74
C ILE A 72 19.03 30.53 -3.10
N LYS A 73 18.96 29.74 -2.02
CA LYS A 73 20.18 29.22 -1.34
C LYS A 73 21.07 28.45 -2.33
N SER A 74 20.46 27.57 -3.09
CA SER A 74 21.20 26.74 -4.07
C SER A 74 21.76 27.61 -5.17
N LYS A 75 21.04 28.63 -5.61
CA LYS A 75 21.57 29.52 -6.67
C LYS A 75 22.80 30.28 -6.17
N LEU A 76 22.81 30.54 -4.87
CA LEU A 76 23.93 31.30 -4.24
C LEU A 76 25.16 30.40 -4.28
N GLU A 77 24.99 29.15 -3.85
CA GLU A 77 26.08 28.14 -3.74
C GLU A 77 26.66 27.87 -5.14
N ALA A 78 25.86 28.00 -6.20
CA ALA A 78 26.29 27.86 -7.62
C ALA A 78 26.86 29.18 -8.19
N ARG A 79 27.20 30.13 -7.31
CA ARG A 79 27.60 31.50 -7.69
C ARG A 79 26.78 31.94 -8.91
N GLU A 80 25.44 31.78 -8.91
CA GLU A 80 24.58 32.09 -10.10
C GLU A 80 24.12 33.54 -10.04
N TYR A 81 24.29 34.21 -8.92
CA TYR A 81 23.87 35.65 -8.84
C TYR A 81 25.04 36.55 -9.22
N ARG A 82 24.86 37.28 -10.32
CA ARG A 82 25.88 38.22 -10.86
C ARG A 82 26.33 39.24 -9.83
N ASP A 83 25.38 39.78 -9.07
CA ASP A 83 25.57 40.85 -8.05
C ASP A 83 24.54 40.73 -6.92
N ALA A 84 24.52 41.63 -5.96
CA ALA A 84 23.49 41.59 -4.90
C ALA A 84 22.12 42.01 -5.41
N GLN A 85 22.05 42.77 -6.50
CA GLN A 85 20.76 43.28 -7.00
C GLN A 85 19.96 42.11 -7.57
N GLU A 86 20.67 41.18 -8.20
CA GLU A 86 20.06 39.96 -8.77
C GLU A 86 19.61 39.04 -7.64
N PHE A 87 20.30 39.02 -6.51
CA PHE A 87 19.83 38.22 -5.35
C PHE A 87 18.54 38.83 -4.81
N GLY A 88 18.51 40.11 -4.61
CA GLY A 88 17.33 40.81 -4.14
C GLY A 88 16.17 40.58 -5.06
N ALA A 89 16.37 40.60 -6.37
CA ALA A 89 15.23 40.47 -7.31
C ALA A 89 14.53 39.14 -7.16
N ASP A 90 15.29 38.07 -6.89
CA ASP A 90 14.67 36.74 -6.67
C ASP A 90 13.98 36.68 -5.32
N VAL A 91 14.52 37.33 -4.29
CA VAL A 91 13.85 37.35 -2.97
C VAL A 91 12.55 38.12 -3.11
N ARG A 92 12.60 39.24 -3.81
CA ARG A 92 11.38 40.06 -4.04
C ARG A 92 10.38 39.37 -4.97
N LEU A 93 10.89 38.54 -5.88
CA LEU A 93 10.02 37.72 -6.76
C LEU A 93 9.27 36.70 -5.94
N MET A 94 9.95 36.04 -5.00
CA MET A 94 9.34 35.04 -4.12
C MET A 94 8.14 35.67 -3.43
N PHE A 95 8.32 36.89 -2.91
CA PHE A 95 7.26 37.60 -2.18
C PHE A 95 6.16 38.09 -3.12
N SER A 96 6.55 38.71 -4.22
CA SER A 96 5.60 39.24 -5.22
C SER A 96 4.67 38.13 -5.71
N ASN A 97 5.22 36.96 -5.98
CA ASN A 97 4.44 35.78 -6.42
C ASN A 97 3.36 35.43 -5.41
N CYS A 98 3.69 35.49 -4.14
CA CYS A 98 2.72 35.22 -3.04
C CYS A 98 1.65 36.29 -3.03
N TYR A 99 2.03 37.57 -3.18
CA TYR A 99 1.06 38.69 -3.16
C TYR A 99 0.14 38.59 -4.37
N LYS A 100 0.70 38.17 -5.48
CA LYS A 100 -0.02 38.10 -6.76
C LYS A 100 -1.09 37.03 -6.73
N TYR A 101 -0.75 35.83 -6.28
CA TYR A 101 -1.65 34.64 -6.35
C TYR A 101 -2.74 34.80 -5.29
N ASN A 102 -2.45 35.40 -4.15
CA ASN A 102 -3.42 35.38 -3.02
C ASN A 102 -4.22 36.69 -2.93
N PRO A 103 -5.42 36.64 -2.29
CA PRO A 103 -6.16 37.85 -2.00
C PRO A 103 -5.47 38.65 -0.88
N PRO A 104 -5.65 39.99 -0.79
CA PRO A 104 -4.91 40.76 0.21
C PRO A 104 -5.19 40.37 1.67
N ASP A 105 -6.37 39.85 1.97
CA ASP A 105 -6.73 39.50 3.36
C ASP A 105 -6.24 38.11 3.72
N HIS A 106 -5.57 37.39 2.86
CA HIS A 106 -5.18 36.00 3.11
C HIS A 106 -4.08 35.94 4.14
N GLU A 107 -4.09 34.89 4.95
CA GLU A 107 -3.14 34.72 6.07
C GLU A 107 -1.72 34.65 5.55
N VAL A 108 -1.48 33.93 4.46
CA VAL A 108 -0.11 33.68 3.96
C VAL A 108 0.48 34.99 3.47
N VAL A 109 -0.39 35.92 3.07
CA VAL A 109 0.04 37.28 2.64
C VAL A 109 0.64 38.02 3.83
N ALA A 110 -0.01 37.94 4.99
CA ALA A 110 0.53 38.54 6.22
C ALA A 110 1.91 37.97 6.54
N MET A 111 2.04 36.64 6.49
CA MET A 111 3.33 35.98 6.78
C MET A 111 4.38 36.45 5.78
N ALA A 112 4.02 36.56 4.51
CA ALA A 112 4.97 37.02 3.48
C ALA A 112 5.48 38.43 3.79
N ARG A 113 4.59 39.32 4.17
CA ARG A 113 4.95 40.71 4.46
C ARG A 113 5.87 40.80 5.68
N LYS A 114 5.58 39.98 6.68
CA LYS A 114 6.38 39.91 7.95
C LYS A 114 7.78 39.42 7.62
N LEU A 115 7.95 38.45 6.74
CA LEU A 115 9.31 38.02 6.39
C LEU A 115 10.01 39.06 5.54
N GLN A 116 9.31 39.62 4.59
CA GLN A 116 9.85 40.71 3.74
C GLN A 116 10.33 41.88 4.56
N ASP A 117 9.68 42.17 5.67
CA ASP A 117 10.13 43.19 6.63
C ASP A 117 11.57 42.92 7.04
N VAL A 118 11.80 41.68 7.44
CA VAL A 118 13.15 41.22 7.83
C VAL A 118 14.13 41.39 6.67
N PHE A 119 13.73 40.90 5.50
CA PHE A 119 14.60 40.98 4.30
C PHE A 119 14.96 42.43 3.96
N GLU A 120 13.95 43.28 3.88
CA GLU A 120 14.14 44.66 3.38
C GLU A 120 15.06 45.42 4.31
N MET A 121 14.95 45.18 5.61
CA MET A 121 15.78 45.88 6.62
C MET A 121 17.25 45.52 6.44
N ARG A 122 17.54 44.24 6.29
CA ARG A 122 18.91 43.73 6.16
C ARG A 122 19.48 44.16 4.81
N PHE A 123 18.69 44.04 3.78
CA PHE A 123 19.08 44.35 2.39
C PHE A 123 19.44 45.84 2.26
N ALA A 124 18.70 46.68 2.97
CA ALA A 124 18.94 48.14 3.03
C ALA A 124 20.32 48.43 3.64
N LYS A 125 20.68 47.75 4.75
CA LYS A 125 22.01 48.00 5.37
C LYS A 125 23.15 47.22 4.74
N MET A 126 23.46 47.52 3.48
CA MET A 126 24.49 46.73 2.75
C MET A 126 25.54 47.62 2.09
N PRO A 127 26.83 47.66 2.53
CA PRO A 127 27.73 48.76 2.19
C PRO A 127 28.16 48.77 0.71
N MET B 1 2.33 -17.31 -2.54
CA MET B 1 1.45 -17.15 -1.33
C MET B 1 0.63 -18.43 -1.15
N ASP B 2 -0.35 -18.35 -0.26
CA ASP B 2 -1.33 -19.45 -0.05
C ASP B 2 -2.38 -19.46 -1.16
N VAL B 3 -2.88 -20.67 -1.42
CA VAL B 3 -4.12 -20.95 -2.17
C VAL B 3 -5.18 -21.56 -1.26
N PHE B 4 -6.41 -21.18 -1.52
CA PHE B 4 -7.57 -21.52 -0.66
C PHE B 4 -8.55 -22.37 -1.45
N LEU B 5 -8.99 -23.47 -0.84
CA LEU B 5 -9.65 -24.58 -1.57
C LEU B 5 -10.96 -25.01 -0.94
N MET B 6 -11.89 -25.49 -1.76
CA MET B 6 -13.00 -26.35 -1.28
C MET B 6 -12.73 -27.74 -1.85
N ILE B 7 -12.48 -28.70 -1.01
CA ILE B 7 -12.34 -30.10 -1.47
C ILE B 7 -13.67 -30.79 -1.35
N ARG B 8 -14.29 -31.19 -2.49
CA ARG B 8 -15.73 -31.60 -2.42
C ARG B 8 -16.03 -32.98 -3.03
N ARG B 9 -16.66 -33.88 -2.28
CA ARG B 9 -17.17 -35.18 -2.73
C ARG B 9 -18.58 -35.39 -2.19
N HIS B 10 -19.49 -35.78 -3.08
CA HIS B 10 -20.91 -35.97 -2.75
C HIS B 10 -21.42 -34.75 -1.95
N LYS B 11 -21.86 -34.94 -0.72
CA LYS B 11 -22.39 -33.83 0.12
C LYS B 11 -21.35 -33.46 1.16
N THR B 12 -20.09 -33.73 0.92
CA THR B 12 -19.00 -33.33 1.85
C THR B 12 -18.22 -32.22 1.16
N THR B 13 -17.86 -31.19 1.92
CA THR B 13 -17.07 -30.04 1.43
C THR B 13 -16.09 -29.64 2.53
N ILE B 14 -14.82 -29.61 2.19
CA ILE B 14 -13.73 -29.29 3.14
C ILE B 14 -13.13 -27.94 2.78
N PHE B 15 -13.09 -27.01 3.74
CA PHE B 15 -12.36 -25.74 3.57
C PHE B 15 -10.99 -25.90 4.19
N THR B 16 -9.98 -25.92 3.31
CA THR B 16 -8.56 -25.91 3.72
C THR B 16 -7.72 -25.12 2.73
N ASP B 17 -6.54 -24.76 3.21
CA ASP B 17 -5.58 -23.93 2.45
C ASP B 17 -4.26 -24.69 2.27
N ALA B 18 -3.50 -24.33 1.24
CA ALA B 18 -2.16 -24.89 0.99
C ALA B 18 -1.37 -23.89 0.14
N LYS B 19 -0.09 -24.15 -0.06
CA LYS B 19 0.78 -23.23 -0.82
C LYS B 19 0.71 -23.60 -2.30
N GLU B 20 1.10 -22.65 -3.17
CA GLU B 20 1.21 -22.94 -4.62
C GLU B 20 2.24 -24.04 -4.83
N SER B 21 3.28 -24.00 -4.04
CA SER B 21 4.43 -24.92 -4.15
C SER B 21 4.12 -26.32 -3.65
N SER B 22 3.08 -26.45 -2.82
CA SER B 22 2.61 -27.81 -2.42
C SER B 22 2.18 -28.65 -3.61
N THR B 23 2.44 -29.95 -3.55
CA THR B 23 2.02 -30.93 -4.59
C THR B 23 0.62 -31.46 -4.27
N VAL B 24 0.04 -32.14 -5.25
CA VAL B 24 -1.27 -32.81 -5.11
C VAL B 24 -1.18 -33.86 -4.01
N PHE B 25 -0.05 -34.53 -3.88
CA PHE B 25 0.12 -35.58 -2.87
C PHE B 25 -0.16 -35.09 -1.46
N GLU B 26 0.45 -33.97 -1.09
CA GLU B 26 0.29 -33.33 0.24
C GLU B 26 -1.20 -33.06 0.46
N LEU B 27 -1.87 -32.60 -0.59
CA LEU B 27 -3.31 -32.28 -0.48
C LEU B 27 -4.09 -33.55 -0.13
N LYS B 28 -3.77 -34.66 -0.80
CA LYS B 28 -4.26 -36.00 -0.40
C LYS B 28 -3.89 -36.31 1.05
N ARG B 29 -2.71 -35.88 1.48
CA ARG B 29 -2.28 -36.10 2.88
C ARG B 29 -3.16 -35.32 3.86
N ILE B 30 -3.52 -34.10 3.47
CA ILE B 30 -4.43 -33.25 4.29
C ILE B 30 -5.76 -33.95 4.39
N VAL B 31 -6.25 -34.48 3.27
CA VAL B 31 -7.55 -35.17 3.23
C VAL B 31 -7.48 -36.39 4.13
N GLU B 32 -6.42 -37.18 4.00
CA GLU B 32 -6.21 -38.34 4.89
C GLU B 32 -6.34 -37.95 6.36
N GLY B 33 -5.75 -36.83 6.76
CA GLY B 33 -5.82 -36.43 8.17
C GLY B 33 -7.24 -36.20 8.60
N ILE B 34 -8.05 -35.60 7.74
CA ILE B 34 -9.45 -35.20 8.07
C ILE B 34 -10.40 -36.40 7.94
N LEU B 35 -10.37 -37.06 6.79
CA LEU B 35 -11.40 -38.05 6.40
C LEU B 35 -10.92 -39.49 6.59
N LYS B 36 -9.70 -39.69 7.07
CA LYS B 36 -9.22 -41.06 7.40
C LYS B 36 -9.22 -41.97 6.17
N ARG B 37 -8.60 -41.52 5.08
CA ARG B 37 -8.58 -42.31 3.84
C ARG B 37 -7.25 -42.04 3.16
N PRO B 38 -6.42 -43.07 2.92
CA PRO B 38 -5.05 -42.84 2.45
C PRO B 38 -4.98 -42.26 1.03
N PRO B 39 -3.88 -41.56 0.69
CA PRO B 39 -3.70 -40.98 -0.64
C PRO B 39 -3.82 -41.97 -1.80
N ASP B 40 -3.57 -43.25 -1.56
CA ASP B 40 -3.74 -44.29 -2.61
C ASP B 40 -5.23 -44.49 -2.96
N GLU B 41 -6.09 -44.47 -1.95
CA GLU B 41 -7.56 -44.58 -2.17
C GLU B 41 -8.20 -43.26 -2.63
N GLN B 42 -7.39 -42.22 -2.90
CA GLN B 42 -7.90 -40.87 -3.24
C GLN B 42 -7.64 -40.44 -4.67
N ARG B 43 -8.57 -39.70 -5.25
CA ARG B 43 -8.38 -39.11 -6.59
C ARG B 43 -8.83 -37.65 -6.56
N LEU B 44 -7.96 -36.74 -6.97
CA LEU B 44 -8.30 -35.29 -6.96
C LEU B 44 -8.40 -34.73 -8.37
N TYR B 45 -9.36 -33.83 -8.60
CA TYR B 45 -9.60 -33.25 -9.95
C TYR B 45 -9.83 -31.75 -9.90
N LYS B 46 -9.31 -31.04 -10.90
CA LYS B 46 -9.76 -29.64 -11.17
C LYS B 46 -10.77 -29.80 -12.29
N ASP B 47 -12.01 -29.52 -11.99
CA ASP B 47 -13.16 -29.79 -12.87
C ASP B 47 -13.08 -31.25 -13.35
N ASP B 48 -13.01 -31.41 -14.65
CA ASP B 48 -12.95 -32.73 -15.35
C ASP B 48 -11.59 -33.41 -15.12
N GLN B 49 -10.53 -32.63 -15.23
CA GLN B 49 -9.14 -33.11 -15.33
C GLN B 49 -8.57 -33.66 -14.01
N LEU B 50 -8.13 -34.90 -14.08
CA LEU B 50 -7.43 -35.64 -13.02
C LEU B 50 -6.07 -35.01 -12.77
N LEU B 51 -5.68 -34.95 -11.51
CA LEU B 51 -4.43 -34.25 -11.07
C LEU B 51 -3.32 -35.26 -10.76
N ASP B 52 -2.19 -35.18 -11.46
CA ASP B 52 -1.02 -36.01 -11.12
C ASP B 52 -0.58 -35.74 -9.68
N ASP B 53 -0.26 -36.79 -8.95
CA ASP B 53 0.27 -36.64 -7.56
C ASP B 53 1.51 -35.74 -7.55
N GLY B 54 2.33 -35.83 -8.59
CA GLY B 54 3.63 -35.14 -8.62
C GLY B 54 3.48 -33.65 -8.73
N LYS B 55 2.57 -33.21 -9.59
CA LYS B 55 2.41 -31.77 -9.96
C LYS B 55 2.12 -30.89 -8.75
N THR B 56 2.68 -29.69 -8.70
CA THR B 56 2.34 -28.66 -7.70
C THR B 56 0.97 -28.05 -8.00
N LEU B 57 0.34 -27.49 -6.99
CA LEU B 57 -0.99 -26.89 -7.15
C LEU B 57 -0.90 -25.70 -8.10
N GLY B 58 0.16 -24.92 -8.00
CA GLY B 58 0.45 -23.86 -8.98
C GLY B 58 0.49 -24.40 -10.39
N GLU B 59 1.17 -25.53 -10.55
CA GLU B 59 1.30 -26.19 -11.88
C GLU B 59 -0.09 -26.60 -12.39
N CYS B 60 -0.95 -27.06 -11.49
CA CYS B 60 -2.31 -27.50 -11.85
C CYS B 60 -3.23 -26.33 -12.21
N GLY B 61 -2.82 -25.10 -11.90
CA GLY B 61 -3.59 -23.90 -12.27
C GLY B 61 -4.23 -23.17 -11.10
N PHE B 62 -3.99 -23.65 -9.89
CA PHE B 62 -4.42 -22.98 -8.65
C PHE B 62 -3.42 -21.89 -8.26
N THR B 63 -3.85 -20.63 -8.35
CA THR B 63 -3.01 -19.46 -8.01
C THR B 63 -3.65 -18.71 -6.84
N SER B 64 -2.89 -17.83 -6.22
CA SER B 64 -3.44 -16.90 -5.20
C SER B 64 -4.58 -16.06 -5.80
N GLN B 65 -4.43 -15.69 -7.06
CA GLN B 65 -5.48 -14.90 -7.73
C GLN B 65 -6.72 -15.73 -8.07
N THR B 66 -6.55 -17.03 -8.36
CA THR B 66 -7.71 -17.89 -8.73
C THR B 66 -8.30 -18.58 -7.48
N ALA B 67 -7.61 -18.56 -6.34
CA ALA B 67 -8.02 -19.33 -5.16
C ALA B 67 -7.87 -18.49 -3.91
N ARG B 68 -8.80 -17.55 -3.78
CA ARG B 68 -8.74 -16.58 -2.65
C ARG B 68 -9.59 -17.07 -1.49
N PRO B 69 -9.28 -16.61 -0.25
CA PRO B 69 -10.09 -16.94 0.93
C PRO B 69 -11.61 -16.77 0.76
N GLN B 70 -11.98 -15.62 0.21
CA GLN B 70 -13.39 -15.23 0.01
C GLN B 70 -14.00 -15.92 -1.19
N ALA B 71 -13.17 -16.49 -2.08
CA ALA B 71 -13.64 -17.15 -3.32
C ALA B 71 -12.74 -18.36 -3.64
N PRO B 72 -12.77 -19.40 -2.81
CA PRO B 72 -11.86 -20.51 -3.00
C PRO B 72 -12.16 -21.31 -4.26
N ALA B 73 -11.12 -21.99 -4.71
CA ALA B 73 -11.17 -22.91 -5.86
C ALA B 73 -11.64 -24.27 -5.40
N THR B 74 -12.29 -24.97 -6.32
CA THR B 74 -12.87 -26.30 -6.05
C THR B 74 -11.92 -27.38 -6.53
N VAL B 75 -11.71 -28.39 -5.69
CA VAL B 75 -10.98 -29.62 -6.01
C VAL B 75 -11.95 -30.78 -5.87
N GLY B 76 -12.14 -31.53 -6.95
CA GLY B 76 -12.99 -32.72 -6.96
C GLY B 76 -12.37 -33.90 -6.23
N LEU B 77 -13.19 -34.72 -5.58
CA LEU B 77 -12.67 -35.87 -4.82
C LEU B 77 -13.46 -37.15 -5.13
N ALA B 78 -12.72 -38.23 -5.41
CA ALA B 78 -13.26 -39.60 -5.51
C ALA B 78 -12.49 -40.56 -4.60
N PHE B 79 -13.24 -41.36 -3.83
CA PHE B 79 -12.70 -42.54 -3.14
C PHE B 79 -12.78 -43.80 -4.01
N ARG B 80 -11.86 -44.76 -3.73
CA ARG B 80 -11.95 -46.19 -4.12
C ARG B 80 -12.79 -46.94 -3.08
N ALA B 81 -13.54 -47.96 -3.49
CA ALA B 81 -14.17 -49.00 -2.64
C ALA B 81 -14.49 -50.22 -3.51
N ASP B 82 -14.47 -51.43 -2.95
CA ASP B 82 -14.42 -52.69 -3.75
C ASP B 82 -13.33 -52.50 -4.81
N ASP B 83 -12.17 -51.98 -4.38
CA ASP B 83 -10.86 -51.90 -5.11
C ASP B 83 -11.00 -51.32 -6.52
N THR B 84 -11.90 -50.38 -6.72
CA THR B 84 -11.87 -49.45 -7.88
C THR B 84 -12.46 -48.09 -7.50
N PHE B 85 -11.98 -47.05 -8.17
CA PHE B 85 -12.42 -45.66 -7.93
C PHE B 85 -13.85 -45.46 -8.42
N GLU B 86 -14.68 -44.84 -7.57
CA GLU B 86 -16.01 -44.37 -8.01
C GLU B 86 -15.82 -43.23 -9.01
N ALA B 87 -16.89 -42.92 -9.75
CA ALA B 87 -16.96 -41.70 -10.56
C ALA B 87 -16.95 -40.49 -9.63
N LEU B 88 -16.30 -39.42 -10.06
CA LEU B 88 -16.43 -38.12 -9.36
C LEU B 88 -17.88 -37.65 -9.41
N CYS B 89 -18.50 -37.49 -8.24
CA CYS B 89 -19.84 -36.90 -8.15
C CYS B 89 -19.87 -35.86 -7.03
N ILE B 90 -20.15 -34.61 -7.38
CA ILE B 90 -20.34 -33.56 -6.36
C ILE B 90 -21.78 -33.06 -6.42
N GLU B 91 -22.54 -33.29 -5.35
CA GLU B 91 -23.91 -32.77 -5.22
C GLU B 91 -23.85 -31.25 -5.14
N PRO B 92 -24.60 -30.52 -6.01
CA PRO B 92 -24.57 -29.06 -5.97
C PRO B 92 -25.20 -28.47 -4.70
N PHE B 93 -24.78 -27.25 -4.37
CA PHE B 93 -25.38 -26.52 -3.23
C PHE B 93 -26.83 -26.17 -3.62
N SER B 94 -27.65 -25.93 -2.60
CA SER B 94 -29.02 -25.44 -2.84
C SER B 94 -28.99 -24.15 -3.68
N SER B 95 -30.06 -23.89 -4.45
CA SER B 95 -30.24 -22.61 -5.15
C SER B 95 -30.70 -21.54 -4.16
N PRO B 96 -30.23 -20.27 -4.31
CA PRO B 96 -30.92 -19.14 -3.69
C PRO B 96 -32.30 -18.95 -4.33
N PRO B 97 -33.30 -18.41 -3.60
CA PRO B 97 -34.55 -17.99 -4.23
C PRO B 97 -34.38 -16.89 -5.28
N GLU B 98 -35.39 -16.74 -6.14
CA GLU B 98 -35.42 -15.64 -7.12
C GLU B 98 -35.45 -14.30 -6.38
N LEU B 99 -34.79 -13.29 -6.94
CA LEU B 99 -34.47 -12.06 -6.21
C LEU B 99 -35.79 -11.36 -5.87
N PRO B 100 -36.01 -10.98 -4.60
CA PRO B 100 -37.17 -10.16 -4.22
C PRO B 100 -37.31 -8.84 -5.01
N ASP B 101 -38.55 -8.39 -5.14
CA ASP B 101 -38.85 -7.29 -6.12
C ASP B 101 -38.17 -5.99 -5.67
N VAL B 102 -38.24 -5.70 -4.38
CA VAL B 102 -37.67 -4.42 -3.84
C VAL B 102 -36.14 -4.39 -3.97
N MET B 103 -35.52 -5.51 -4.32
CA MET B 103 -34.06 -5.59 -4.55
C MET B 103 -33.67 -5.54 -6.01
N LYS B 104 -34.61 -5.26 -6.92
CA LYS B 104 -34.36 -5.13 -8.36
C LYS B 104 -34.45 -3.66 -8.78
N MET C 1 -4.44 -28.85 14.10
CA MET C 1 -5.67 -28.28 13.47
C MET C 1 -6.83 -29.27 13.61
N MET C 2 -7.53 -29.21 14.74
CA MET C 2 -8.92 -29.72 14.91
C MET C 2 -9.78 -29.11 13.79
N TYR C 3 -10.65 -29.92 13.22
CA TYR C 3 -11.73 -29.46 12.34
C TYR C 3 -13.06 -29.66 13.06
N VAL C 4 -14.10 -29.04 12.51
CA VAL C 4 -15.50 -29.32 12.93
C VAL C 4 -16.36 -29.51 11.70
N LYS C 5 -17.52 -30.14 11.90
CA LYS C 5 -18.52 -30.33 10.83
C LYS C 5 -19.65 -29.33 11.07
N LEU C 6 -19.92 -28.56 10.05
CA LEU C 6 -21.18 -27.77 9.95
C LEU C 6 -22.09 -28.43 8.93
N ILE C 7 -23.27 -28.85 9.39
CA ILE C 7 -24.30 -29.43 8.52
C ILE C 7 -25.37 -28.38 8.20
N SER C 8 -25.60 -28.22 6.88
CA SER C 8 -26.66 -27.34 6.34
C SER C 8 -28.03 -27.99 6.53
N SER C 9 -29.08 -27.21 6.28
CA SER C 9 -30.46 -27.74 6.35
C SER C 9 -30.70 -28.82 5.31
N ASP C 10 -30.04 -28.75 4.16
CA ASP C 10 -30.23 -29.76 3.09
C ASP C 10 -29.19 -30.88 3.17
N GLY C 11 -28.52 -31.04 4.30
CA GLY C 11 -27.70 -32.23 4.57
C GLY C 11 -26.28 -32.13 4.09
N HIS C 12 -25.85 -30.98 3.57
CA HIS C 12 -24.46 -30.76 3.16
C HIS C 12 -23.54 -30.68 4.39
N GLU C 13 -22.43 -31.39 4.28
CA GLU C 13 -21.38 -31.37 5.33
C GLU C 13 -20.22 -30.47 4.94
N PHE C 14 -19.99 -29.47 5.77
CA PHE C 14 -18.86 -28.51 5.62
C PHE C 14 -17.86 -28.78 6.71
N ILE C 15 -16.64 -29.18 6.39
CA ILE C 15 -15.59 -29.37 7.40
C ILE C 15 -14.62 -28.21 7.31
N VAL C 16 -14.51 -27.49 8.42
CA VAL C 16 -13.68 -26.26 8.52
C VAL C 16 -12.84 -26.36 9.80
N LYS C 17 -11.71 -25.60 9.79
CA LYS C 17 -10.81 -25.51 10.94
C LYS C 17 -11.58 -25.04 12.15
N ARG C 18 -11.33 -25.61 13.33
CA ARG C 18 -12.09 -25.19 14.54
C ARG C 18 -11.82 -23.70 14.75
N GLU C 19 -10.57 -23.24 14.65
CA GLU C 19 -10.26 -21.82 14.97
C GLU C 19 -11.01 -20.89 14.01
N HIS C 20 -11.25 -21.34 12.80
CA HIS C 20 -12.01 -20.58 11.78
C HIS C 20 -13.47 -20.49 12.17
N ALA C 21 -14.02 -21.63 12.56
CA ALA C 21 -15.45 -21.76 12.94
C ALA C 21 -15.73 -20.87 14.14
N LEU C 22 -14.73 -20.69 15.00
CA LEU C 22 -14.90 -19.91 16.27
C LEU C 22 -15.12 -18.43 15.96
N THR C 23 -14.95 -18.00 14.73
CA THR C 23 -15.31 -16.64 14.29
C THR C 23 -16.74 -16.34 14.65
N SER C 24 -17.62 -17.32 14.56
CA SER C 24 -19.04 -17.21 14.97
C SER C 24 -19.17 -17.29 16.48
N GLY C 25 -19.82 -16.31 17.12
CA GLY C 25 -20.06 -16.37 18.57
C GLY C 25 -21.05 -17.45 18.91
N THR C 26 -22.07 -17.60 18.07
CA THR C 26 -23.08 -18.68 18.20
C THR C 26 -22.42 -20.05 18.18
N ILE C 27 -21.52 -20.29 17.24
CA ILE C 27 -20.84 -21.61 17.13
C ILE C 27 -19.85 -21.80 18.29
N LYS C 28 -19.14 -20.75 18.66
CA LYS C 28 -18.14 -20.83 19.76
C LYS C 28 -18.83 -21.39 21.00
N ALA C 29 -20.04 -20.95 21.25
CA ALA C 29 -20.83 -21.34 22.45
C ALA C 29 -21.29 -22.79 22.34
N MET C 30 -21.76 -23.20 21.15
CA MET C 30 -22.35 -24.54 20.84
C MET C 30 -21.28 -25.65 20.90
N LEU C 31 -20.04 -25.32 20.58
CA LEU C 31 -18.87 -26.23 20.65
C LEU C 31 -18.33 -26.26 22.08
N SER C 32 -18.24 -25.10 22.74
CA SER C 32 -17.68 -24.95 24.10
C SER C 32 -18.67 -25.53 25.12
N GLY C 33 -18.13 -25.91 26.29
CA GLY C 33 -18.79 -26.77 27.29
C GLY C 33 -20.15 -26.20 27.68
N PRO C 34 -20.92 -26.90 28.54
CA PRO C 34 -22.18 -26.35 29.02
C PRO C 34 -21.86 -25.26 30.07
N GLY C 35 -22.01 -23.99 29.68
CA GLY C 35 -21.78 -22.81 30.55
C GLY C 35 -20.30 -22.45 30.77
N GLN C 36 -19.77 -22.77 31.96
CA GLN C 36 -18.40 -22.38 32.44
C GLN C 36 -17.48 -23.61 32.52
N PHE C 37 -18.06 -24.82 32.67
CA PHE C 37 -17.30 -26.10 32.65
C PHE C 37 -17.12 -26.50 31.18
N ALA C 38 -15.90 -26.32 30.64
CA ALA C 38 -15.44 -26.74 29.29
C ALA C 38 -15.21 -28.25 29.28
N GLU C 39 -16.30 -29.03 29.18
CA GLU C 39 -16.35 -30.52 29.12
C GLU C 39 -17.40 -30.93 28.08
N ASN C 40 -17.52 -32.24 27.78
CA ASN C 40 -18.42 -32.77 26.71
C ASN C 40 -18.46 -31.77 25.55
N GLU C 41 -17.31 -31.15 25.26
CA GLU C 41 -17.13 -30.26 24.10
C GLU C 41 -17.38 -31.13 22.87
N THR C 42 -18.31 -30.69 22.02
CA THR C 42 -18.84 -31.47 20.88
C THR C 42 -17.88 -31.18 19.67
N ASN C 43 -18.31 -31.72 18.47
CA ASN C 43 -17.46 -31.70 17.25
C ASN C 43 -18.30 -31.51 15.99
N GLU C 44 -19.62 -31.55 16.11
CA GLU C 44 -20.58 -31.34 15.01
C GLU C 44 -21.58 -30.26 15.43
N VAL C 45 -21.97 -29.41 14.47
CA VAL C 45 -23.13 -28.48 14.62
C VAL C 45 -24.12 -28.50 13.45
N ASN C 46 -25.37 -28.76 13.74
CA ASN C 46 -26.45 -28.89 12.75
C ASN C 46 -27.31 -27.62 12.74
N PHE C 47 -27.59 -27.14 11.52
CA PHE C 47 -28.41 -25.92 11.32
C PHE C 47 -29.65 -26.30 10.57
N ARG C 48 -30.76 -26.40 11.28
CA ARG C 48 -32.05 -26.84 10.68
C ARG C 48 -32.55 -25.80 9.65
N GLU C 49 -32.06 -24.57 9.75
CA GLU C 49 -32.62 -23.44 8.93
C GLU C 49 -31.71 -23.06 7.74
N ILE C 50 -30.39 -23.10 7.93
CA ILE C 50 -29.44 -22.51 6.93
C ILE C 50 -29.24 -23.49 5.79
N PRO C 51 -29.54 -23.16 4.52
CA PRO C 51 -29.20 -24.05 3.41
C PRO C 51 -27.73 -23.97 2.95
N SER C 52 -27.39 -24.89 2.05
CA SER C 52 -25.98 -25.19 1.70
C SER C 52 -25.30 -23.98 1.06
N HIS C 53 -26.04 -23.30 0.19
CA HIS C 53 -25.50 -22.14 -0.56
C HIS C 53 -25.15 -21.01 0.40
N VAL C 54 -25.83 -20.98 1.53
CA VAL C 54 -25.60 -19.91 2.53
C VAL C 54 -24.52 -20.39 3.47
N LEU C 55 -24.56 -21.61 3.99
CA LEU C 55 -23.49 -22.05 4.93
C LEU C 55 -22.12 -22.14 4.25
N SER C 56 -22.10 -22.45 2.96
CA SER C 56 -20.83 -22.47 2.20
C SER C 56 -20.29 -21.05 2.17
N LYS C 57 -21.15 -20.09 1.87
CA LYS C 57 -20.72 -18.69 1.78
C LYS C 57 -20.27 -18.17 3.14
N VAL C 58 -20.91 -18.66 4.20
CA VAL C 58 -20.55 -18.25 5.59
C VAL C 58 -19.14 -18.76 5.89
N CYS C 59 -18.88 -20.00 5.53
CA CYS C 59 -17.55 -20.60 5.79
C CYS C 59 -16.45 -19.85 5.01
N MET C 60 -16.77 -19.39 3.81
CA MET C 60 -15.79 -18.58 3.05
C MET C 60 -15.48 -17.33 3.83
N TYR C 61 -16.47 -16.75 4.49
CA TYR C 61 -16.25 -15.56 5.34
C TYR C 61 -15.29 -15.90 6.48
N PHE C 62 -15.48 -17.02 7.16
CA PHE C 62 -14.59 -17.40 8.27
C PHE C 62 -13.15 -17.43 7.79
N THR C 63 -12.90 -18.04 6.64
CA THR C 63 -11.55 -18.05 6.03
C THR C 63 -11.06 -16.63 5.77
N TYR C 64 -11.87 -15.82 5.14
CA TYR C 64 -11.53 -14.41 4.83
C TYR C 64 -11.17 -13.67 6.10
N LYS C 65 -12.00 -13.82 7.11
CA LYS C 65 -11.89 -13.09 8.40
C LYS C 65 -10.56 -13.46 9.07
N VAL C 66 -10.24 -14.75 9.11
CA VAL C 66 -9.02 -15.19 9.81
C VAL C 66 -7.80 -14.64 9.05
N ARG C 67 -7.87 -14.77 7.71
CA ARG C 67 -6.72 -14.47 6.84
C ARG C 67 -6.39 -12.98 6.90
N TYR C 68 -7.40 -12.14 6.96
CA TYR C 68 -7.25 -10.69 6.63
C TYR C 68 -7.34 -9.81 7.88
N THR C 69 -7.85 -10.36 8.97
CA THR C 69 -7.94 -9.63 10.26
C THR C 69 -6.52 -9.46 10.78
N ASN C 70 -6.19 -8.25 11.23
CA ASN C 70 -4.86 -7.95 11.83
C ASN C 70 -3.78 -8.21 10.78
N SER C 71 -4.09 -7.98 9.52
CA SER C 71 -3.15 -8.26 8.43
C SER C 71 -2.64 -6.96 7.83
N SER C 72 -1.32 -6.81 7.75
CA SER C 72 -0.68 -5.60 7.21
C SER C 72 -0.88 -5.49 5.68
N THR C 73 -0.88 -6.67 5.02
CA THR C 73 -1.16 -6.91 3.58
C THR C 73 -2.60 -6.48 3.22
N GLU C 74 -2.74 -5.46 2.35
CA GLU C 74 -4.01 -4.85 1.80
C GLU C 74 -5.15 -5.84 1.72
N ILE C 75 -6.34 -5.36 2.08
CA ILE C 75 -7.54 -6.19 2.33
C ILE C 75 -8.51 -6.04 1.16
N PRO C 76 -8.98 -7.13 0.51
CA PRO C 76 -10.00 -6.99 -0.49
C PRO C 76 -11.42 -6.98 0.08
N GLU C 77 -12.35 -6.57 -0.77
CA GLU C 77 -13.80 -6.56 -0.48
C GLU C 77 -14.27 -7.99 -0.31
N PHE C 78 -15.15 -8.21 0.66
CA PHE C 78 -15.88 -9.49 0.75
C PHE C 78 -17.11 -9.43 -0.18
N PRO C 79 -17.11 -10.23 -1.26
CA PRO C 79 -18.17 -10.19 -2.27
C PRO C 79 -19.44 -10.94 -1.90
N ILE C 80 -20.58 -10.33 -2.22
CA ILE C 80 -21.91 -10.92 -1.93
C ILE C 80 -22.79 -10.68 -3.13
N ALA C 81 -23.25 -11.75 -3.77
CA ALA C 81 -24.25 -11.68 -4.84
C ALA C 81 -25.57 -11.17 -4.24
N PRO C 82 -26.31 -10.30 -4.96
CA PRO C 82 -27.67 -9.92 -4.54
C PRO C 82 -28.57 -11.08 -4.15
N GLU C 83 -28.46 -12.18 -4.86
CA GLU C 83 -29.36 -13.34 -4.63
C GLU C 83 -29.19 -14.00 -3.25
N ILE C 84 -28.00 -13.90 -2.64
CA ILE C 84 -27.81 -14.51 -1.29
C ILE C 84 -27.82 -13.47 -0.16
N ALA C 85 -27.75 -12.20 -0.53
CA ALA C 85 -27.66 -11.09 0.45
C ALA C 85 -28.66 -11.27 1.57
N LEU C 86 -29.94 -11.46 1.26
CA LEU C 86 -30.96 -11.47 2.34
C LEU C 86 -30.78 -12.67 3.25
N GLU C 87 -30.60 -13.85 2.67
CA GLU C 87 -30.42 -15.06 3.49
C GLU C 87 -29.10 -14.99 4.28
N LEU C 88 -28.04 -14.47 3.67
CA LEU C 88 -26.72 -14.43 4.33
C LEU C 88 -26.77 -13.50 5.53
N LEU C 89 -27.52 -12.41 5.41
CA LEU C 89 -27.70 -11.41 6.46
C LEU C 89 -28.39 -12.07 7.65
N MET C 90 -29.38 -12.90 7.41
CA MET C 90 -30.10 -13.59 8.49
C MET C 90 -29.19 -14.62 9.16
N ALA C 91 -28.40 -15.34 8.36
CA ALA C 91 -27.42 -16.27 8.94
C ALA C 91 -26.44 -15.52 9.86
N ALA C 92 -25.86 -14.46 9.31
CA ALA C 92 -24.81 -13.67 9.97
C ALA C 92 -25.30 -13.20 11.33
N ASN C 93 -26.51 -12.71 11.33
CA ASN C 93 -27.24 -12.24 12.51
C ASN C 93 -27.39 -13.38 13.49
N PHE C 94 -27.78 -14.56 13.01
CA PHE C 94 -28.00 -15.75 13.84
C PHE C 94 -26.67 -16.27 14.44
N LEU C 95 -25.62 -16.15 13.68
CA LEU C 95 -24.29 -16.75 13.99
C LEU C 95 -23.42 -15.79 14.82
N ASP C 96 -23.80 -14.53 14.90
CA ASP C 96 -23.05 -13.45 15.57
C ASP C 96 -21.65 -13.37 14.99
N CYS C 97 -21.52 -13.00 13.71
CA CYS C 97 -20.19 -12.86 13.08
C CYS C 97 -20.28 -11.86 11.93
N PRO D 10 -14.57 19.02 23.15
CA PRO D 10 -14.50 17.57 22.79
C PRO D 10 -13.10 16.97 22.85
N VAL D 11 -12.99 15.70 23.19
CA VAL D 11 -11.68 15.03 23.18
C VAL D 11 -11.23 14.92 21.74
N LEU D 12 -12.17 14.70 20.79
CA LEU D 12 -11.80 14.33 19.41
C LEU D 12 -11.82 15.57 18.54
N ARG D 13 -10.64 16.17 18.36
CA ARG D 13 -10.47 17.42 17.59
C ARG D 13 -9.01 17.60 17.22
N SER D 14 -8.76 18.35 16.16
CA SER D 14 -7.38 18.77 15.81
C SER D 14 -6.84 19.76 16.82
N VAL D 15 -5.53 19.72 17.02
CA VAL D 15 -4.79 20.75 17.77
C VAL D 15 -4.34 21.81 16.77
N ASN D 16 -4.52 23.07 17.13
CA ASN D 16 -4.08 24.16 16.24
C ASN D 16 -2.62 24.45 16.48
N SER D 17 -1.76 23.51 16.12
CA SER D 17 -0.31 23.58 16.31
C SER D 17 0.33 24.57 15.34
N ARG D 18 -0.29 24.75 14.17
N ARG D 18 -0.29 24.75 14.17
CA ARG D 18 0.26 25.54 13.03
CA ARG D 18 0.25 25.53 13.02
C ARG D 18 1.68 25.08 12.68
C ARG D 18 1.68 25.08 12.68
N GLU D 19 2.00 23.80 12.86
CA GLU D 19 3.32 23.23 12.45
C GLU D 19 3.06 22.33 11.26
N PRO D 20 3.58 22.66 10.05
CA PRO D 20 3.23 21.88 8.88
C PRO D 20 3.76 20.45 8.90
N SER D 21 3.02 19.58 8.20
CA SER D 21 3.32 18.14 8.12
C SER D 21 2.93 17.63 6.74
N GLN D 22 3.94 17.17 5.99
CA GLN D 22 3.71 16.57 4.65
C GLN D 22 3.19 15.16 4.82
N VAL D 23 2.06 14.89 4.19
CA VAL D 23 1.35 13.60 4.33
C VAL D 23 1.03 13.01 2.96
N ILE D 24 1.06 11.68 2.85
CA ILE D 24 0.58 10.94 1.67
C ILE D 24 -0.69 10.19 2.06
N PHE D 25 -1.81 10.57 1.45
CA PHE D 25 -3.05 9.79 1.43
C PHE D 25 -2.93 8.81 0.30
N CYS D 26 -3.17 7.54 0.60
CA CYS D 26 -3.04 6.44 -0.36
C CYS D 26 -4.24 5.52 -0.19
N ASN D 27 -5.04 5.37 -1.21
CA ASN D 27 -6.32 4.65 -1.09
C ASN D 27 -6.14 3.26 -1.68
N ARG D 28 -5.79 2.30 -0.87
CA ARG D 28 -5.66 0.88 -1.18
C ARG D 28 -6.95 0.20 -0.81
N SER D 29 -8.06 0.92 -0.96
CA SER D 29 -9.43 0.37 -0.87
C SER D 29 -10.02 0.32 -2.26
N PRO D 30 -11.03 -0.52 -2.51
CA PRO D 30 -11.78 -0.44 -3.78
C PRO D 30 -12.90 0.61 -3.81
N ARG D 31 -13.10 1.26 -2.67
CA ARG D 31 -14.08 2.34 -2.45
C ARG D 31 -13.50 3.67 -2.90
N VAL D 32 -14.39 4.60 -3.26
CA VAL D 32 -14.04 6.02 -3.39
C VAL D 32 -13.95 6.59 -1.97
N VAL D 33 -12.82 7.18 -1.64
CA VAL D 33 -12.58 7.57 -0.23
C VAL D 33 -12.87 9.05 -0.04
N LEU D 34 -13.60 9.35 1.04
CA LEU D 34 -13.76 10.74 1.51
C LEU D 34 -12.88 10.91 2.73
N PRO D 35 -11.77 11.68 2.63
CA PRO D 35 -11.09 12.10 3.83
C PRO D 35 -11.91 13.16 4.59
N VAL D 36 -11.88 13.01 5.90
CA VAL D 36 -12.64 13.84 6.86
C VAL D 36 -11.68 14.45 7.83
N TRP D 37 -11.60 15.78 7.92
CA TRP D 37 -10.77 16.48 8.91
C TRP D 37 -11.66 16.92 10.05
N LEU D 38 -11.28 16.58 11.29
CA LEU D 38 -11.93 17.15 12.48
C LEU D 38 -11.25 18.49 12.76
N ASN D 39 -12.03 19.55 12.84
CA ASN D 39 -11.43 20.90 12.99
C ASN D 39 -11.07 21.18 14.45
N PHE D 40 -10.79 22.45 14.77
CA PHE D 40 -10.37 22.81 16.14
C PHE D 40 -11.53 22.62 17.12
N ASP D 41 -12.77 22.83 16.64
CA ASP D 41 -13.99 22.58 17.45
C ASP D 41 -14.39 21.09 17.45
N GLY D 42 -13.80 20.28 16.60
CA GLY D 42 -14.08 18.85 16.51
C GLY D 42 -15.19 18.50 15.53
N GLU D 43 -15.61 19.47 14.72
CA GLU D 43 -16.60 19.22 13.66
C GLU D 43 -15.90 18.69 12.42
N PRO D 44 -16.47 17.60 11.84
CA PRO D 44 -15.93 16.98 10.64
C PRO D 44 -16.09 17.84 9.40
N GLN D 45 -15.01 17.99 8.66
CA GLN D 45 -14.96 18.76 7.40
C GLN D 45 -14.61 17.82 6.27
N PRO D 46 -15.46 17.67 5.24
CA PRO D 46 -15.10 16.84 4.11
C PRO D 46 -14.07 17.48 3.20
N TYR D 47 -13.21 16.66 2.63
CA TYR D 47 -12.10 17.10 1.74
C TYR D 47 -12.30 16.37 0.42
N PRO D 48 -11.62 16.79 -0.68
CA PRO D 48 -11.90 16.13 -1.96
C PRO D 48 -11.64 14.62 -1.92
N THR D 49 -12.50 13.86 -2.62
CA THR D 49 -12.40 12.40 -2.59
C THR D 49 -11.19 11.92 -3.39
N LEU D 50 -10.75 10.70 -3.05
CA LEU D 50 -9.69 9.99 -3.75
C LEU D 50 -10.32 8.76 -4.41
N PRO D 51 -10.18 8.64 -5.74
CA PRO D 51 -10.60 7.41 -6.43
C PRO D 51 -9.85 6.19 -5.90
N PRO D 52 -10.41 4.97 -6.08
CA PRO D 52 -9.74 3.76 -5.60
C PRO D 52 -8.40 3.51 -6.29
N GLY D 53 -7.36 3.16 -5.52
CA GLY D 53 -6.05 2.91 -6.11
C GLY D 53 -5.20 4.16 -6.27
N THR D 54 -5.74 5.34 -5.97
CA THR D 54 -5.00 6.60 -6.23
C THR D 54 -4.36 7.06 -4.92
N GLY D 55 -3.29 7.83 -5.03
CA GLY D 55 -2.80 8.61 -3.88
C GLY D 55 -2.33 9.97 -4.28
N ARG D 56 -2.13 10.84 -3.29
CA ARG D 56 -1.64 12.21 -3.45
C ARG D 56 -1.00 12.73 -2.16
N ARG D 57 -0.08 13.65 -2.35
CA ARG D 57 0.55 14.44 -1.25
C ARG D 57 -0.44 15.48 -0.72
N ILE D 58 -0.32 15.69 0.59
CA ILE D 58 -1.25 16.52 1.40
C ILE D 58 -0.47 17.39 2.37
N HIS D 59 -0.82 18.68 2.35
CA HIS D 59 -0.31 19.68 3.32
C HIS D 59 -1.24 19.70 4.50
N SER D 60 -0.81 19.05 5.59
CA SER D 60 -1.54 19.14 6.88
C SER D 60 -0.57 19.62 7.95
N TYR D 61 -0.96 19.47 9.22
CA TYR D 61 -0.17 20.00 10.38
C TYR D 61 -0.14 18.94 11.49
N ARG D 62 0.93 19.00 12.31
CA ARG D 62 1.07 18.10 13.47
C ARG D 62 -0.10 18.34 14.45
N GLY D 63 -0.68 17.23 14.91
CA GLY D 63 -1.80 17.27 15.86
C GLY D 63 -3.15 17.27 15.20
N HIS D 64 -3.22 17.26 13.88
CA HIS D 64 -4.48 17.38 13.12
C HIS D 64 -5.03 15.96 12.94
N LEU D 65 -6.36 15.82 13.08
CA LEU D 65 -7.10 14.56 13.26
C LEU D 65 -7.89 14.30 11.99
N TRP D 66 -7.66 13.10 11.43
CA TRP D 66 -8.31 12.65 10.17
C TRP D 66 -9.03 11.31 10.36
N LEU D 67 -10.15 11.15 9.65
CA LEU D 67 -10.68 9.79 9.46
C LEU D 67 -11.21 9.66 8.04
N PHE D 68 -11.50 8.43 7.62
CA PHE D 68 -11.76 8.10 6.20
C PHE D 68 -13.01 7.23 6.04
N ARG D 69 -13.81 7.56 5.04
CA ARG D 69 -15.10 6.90 4.79
C ARG D 69 -15.31 6.65 3.30
N ASP D 70 -16.14 5.64 2.99
CA ASP D 70 -16.75 5.51 1.65
C ASP D 70 -17.50 6.81 1.33
N ALA D 71 -17.24 7.43 0.21
CA ALA D 71 -17.78 8.78 -0.05
C ALA D 71 -19.28 8.69 -0.36
N GLY D 72 -19.72 7.52 -0.85
CA GLY D 72 -21.09 7.26 -1.23
C GLY D 72 -21.97 6.81 -0.10
N THR D 73 -21.47 5.93 0.75
CA THR D 73 -22.28 5.23 1.77
C THR D 73 -21.89 5.66 3.18
N HIS D 74 -20.80 6.40 3.33
CA HIS D 74 -20.28 6.75 4.68
C HIS D 74 -19.89 5.53 5.51
N ASP D 75 -19.72 4.37 4.89
CA ASP D 75 -19.08 3.19 5.50
C ASP D 75 -17.72 3.59 6.08
N GLY D 76 -17.40 3.03 7.23
CA GLY D 76 -16.14 3.35 7.94
C GLY D 76 -14.98 2.61 7.29
N LEU D 77 -13.81 3.26 7.24
CA LEU D 77 -12.58 2.70 6.66
C LEU D 77 -11.44 2.79 7.67
N LEU D 78 -10.36 2.06 7.40
CA LEU D 78 -9.15 2.12 8.25
C LEU D 78 -8.07 2.98 7.62
N VAL D 79 -7.21 3.51 8.47
CA VAL D 79 -5.97 4.23 8.07
C VAL D 79 -4.83 3.74 8.95
N ASN D 80 -3.85 3.11 8.35
CA ASN D 80 -2.70 2.50 9.08
C ASN D 80 -3.27 1.58 10.17
N GLN D 81 -4.17 0.71 9.73
CA GLN D 81 -4.73 -0.43 10.52
C GLN D 81 -5.58 0.08 11.70
N THR D 82 -5.96 1.35 11.73
CA THR D 82 -6.76 1.86 12.87
C THR D 82 -7.75 2.92 12.38
N GLU D 83 -8.50 3.58 13.26
CA GLU D 83 -9.66 4.41 12.81
C GLU D 83 -9.25 5.86 12.61
N LEU D 84 -8.40 6.40 13.47
CA LEU D 84 -7.99 7.81 13.34
C LEU D 84 -6.54 7.95 12.86
N PHE D 85 -6.25 9.09 12.27
CA PHE D 85 -4.89 9.41 11.79
C PHE D 85 -4.47 10.78 12.32
N VAL D 86 -3.38 10.85 13.05
CA VAL D 86 -2.80 12.14 13.48
C VAL D 86 -1.31 12.10 13.13
N PRO D 87 -0.81 13.06 12.33
CA PRO D 87 0.60 13.01 11.96
C PRO D 87 1.54 13.70 12.96
N SER D 88 2.64 13.00 13.28
CA SER D 88 3.79 13.62 13.96
C SER D 88 4.50 14.62 13.05
N LEU D 89 5.38 15.41 13.63
CA LEU D 89 6.30 16.24 12.79
C LEU D 89 7.09 15.33 11.85
N ASN D 90 7.24 15.75 10.60
CA ASN D 90 8.10 15.01 9.65
C ASN D 90 9.48 14.93 10.26
N VAL D 91 10.10 13.76 10.26
CA VAL D 91 11.44 13.70 10.89
C VAL D 91 12.46 14.18 9.87
N ASP D 92 13.02 15.38 10.06
CA ASP D 92 13.95 15.96 9.07
C ASP D 92 13.33 16.03 7.69
N GLY D 93 12.07 16.42 7.60
CA GLY D 93 11.34 16.58 6.33
C GLY D 93 11.09 15.36 5.46
N GLN D 94 10.69 14.27 6.08
CA GLN D 94 10.29 13.00 5.44
C GLN D 94 8.78 12.87 5.53
N PRO D 95 8.07 12.60 4.41
CA PRO D 95 6.61 12.56 4.48
C PRO D 95 6.06 11.40 5.32
N ILE D 96 4.89 11.61 5.89
CA ILE D 96 4.19 10.66 6.76
C ILE D 96 3.15 9.96 5.92
N PHE D 97 3.12 8.63 5.99
CA PHE D 97 2.22 7.82 5.11
C PHE D 97 0.95 7.43 5.87
N ALA D 98 -0.16 7.56 5.15
CA ALA D 98 -1.52 7.18 5.59
C ALA D 98 -2.06 6.17 4.60
N ASN D 99 -2.03 4.89 4.95
CA ASN D 99 -2.44 3.81 4.07
C ASN D 99 -3.88 3.45 4.41
N ILE D 100 -4.77 3.89 3.55
CA ILE D 100 -6.23 3.74 3.68
C ILE D 100 -6.66 2.43 3.05
N THR D 101 -7.46 1.67 3.80
CA THR D 101 -7.92 0.32 3.39
C THR D 101 -9.35 0.07 3.87
N LEU D 102 -9.98 -0.98 3.36
CA LEU D 102 -11.15 -1.58 4.01
C LEU D 102 -10.68 -2.17 5.34
N PRO D 103 -11.54 -2.08 6.36
CA PRO D 103 -11.46 -2.98 7.50
C PRO D 103 -12.05 -4.34 7.14
N VAL D 104 -11.82 -5.30 8.05
CA VAL D 104 -12.49 -6.60 7.95
C VAL D 104 -13.84 -6.42 8.62
N TYR D 105 -14.86 -6.02 7.89
CA TYR D 105 -16.22 -5.85 8.44
C TYR D 105 -16.68 -7.20 8.94
N THR D 106 -17.58 -7.23 9.93
CA THR D 106 -18.34 -8.45 10.27
C THR D 106 -19.22 -8.81 9.09
N LEU D 107 -19.51 -10.11 8.93
CA LEU D 107 -20.38 -10.55 7.83
C LEU D 107 -21.71 -9.83 7.95
N LYS D 108 -22.17 -9.57 9.16
CA LYS D 108 -23.46 -8.88 9.38
C LYS D 108 -23.39 -7.49 8.76
N GLU D 109 -22.37 -6.73 9.15
CA GLU D 109 -22.25 -5.34 8.69
C GLU D 109 -22.12 -5.31 7.17
N ARG D 110 -21.38 -6.28 6.63
CA ARG D 110 -21.08 -6.33 5.19
C ARG D 110 -22.36 -6.63 4.43
N CYS D 111 -23.18 -7.53 4.94
CA CYS D 111 -24.47 -7.87 4.34
C CYS D 111 -25.41 -6.68 4.41
N LEU D 112 -25.34 -5.91 5.50
CA LEU D 112 -26.16 -4.68 5.64
C LEU D 112 -25.80 -3.72 4.52
N GLN D 113 -24.49 -3.57 4.26
CA GLN D 113 -23.98 -2.71 3.16
C GLN D 113 -24.62 -3.06 1.83
N VAL D 114 -24.66 -4.34 1.54
CA VAL D 114 -25.06 -4.83 0.19
C VAL D 114 -26.56 -4.64 0.02
N VAL D 115 -27.32 -4.97 1.06
CA VAL D 115 -28.78 -4.81 1.03
C VAL D 115 -29.15 -3.33 0.96
N ARG D 116 -28.43 -2.49 1.69
CA ARG D 116 -28.61 -1.03 1.58
C ARG D 116 -28.42 -0.58 0.15
N SER D 117 -27.43 -1.13 -0.53
CA SER D 117 -27.07 -0.72 -1.91
C SER D 117 -28.13 -1.14 -2.92
N LEU D 118 -29.03 -2.05 -2.52
CA LEU D 118 -30.00 -2.70 -3.43
C LEU D 118 -31.46 -2.32 -3.16
N VAL D 119 -31.72 -1.66 -2.06
CA VAL D 119 -33.11 -1.41 -1.59
C VAL D 119 -33.24 0.04 -1.17
N LYS D 120 -34.25 0.76 -1.67
CA LYS D 120 -34.54 2.10 -1.14
C LYS D 120 -34.89 1.95 0.36
N PRO D 121 -34.44 2.89 1.23
CA PRO D 121 -34.77 2.85 2.65
C PRO D 121 -36.26 2.72 2.96
N GLU D 122 -37.13 3.26 2.09
CA GLU D 122 -38.58 3.11 2.32
C GLU D 122 -39.09 1.72 2.03
N ASN D 123 -38.27 0.86 1.45
CA ASN D 123 -38.64 -0.53 1.16
C ASN D 123 -38.04 -1.55 2.11
N TYR D 124 -37.14 -1.12 3.00
CA TYR D 124 -36.46 -2.03 3.96
C TYR D 124 -37.51 -2.94 4.61
N ARG D 125 -38.62 -2.33 5.00
CA ARG D 125 -39.66 -3.04 5.82
C ARG D 125 -40.58 -3.91 4.98
N ARG D 126 -40.31 -3.98 3.70
CA ARG D 126 -41.01 -4.90 2.75
C ARG D 126 -40.15 -6.11 2.44
N LEU D 127 -38.94 -6.19 3.01
CA LEU D 127 -38.08 -7.39 3.00
C LEU D 127 -38.60 -8.41 4.01
N ASP D 128 -38.59 -9.69 3.64
CA ASP D 128 -39.08 -10.80 4.51
C ASP D 128 -37.96 -11.19 5.49
N ILE D 129 -37.79 -10.39 6.55
CA ILE D 129 -36.70 -10.58 7.55
C ILE D 129 -37.19 -10.18 8.94
N VAL D 130 -36.51 -10.71 9.97
CA VAL D 130 -36.74 -10.41 11.41
C VAL D 130 -36.90 -8.89 11.59
N ARG D 131 -37.83 -8.45 12.46
CA ARG D 131 -38.10 -7.01 12.74
C ARG D 131 -36.79 -6.30 13.13
N SER D 132 -35.90 -6.97 13.88
CA SER D 132 -34.68 -6.39 14.49
C SER D 132 -33.75 -5.98 13.36
N LEU D 133 -33.80 -6.65 12.20
CA LEU D 133 -32.84 -6.33 11.10
C LEU D 133 -33.26 -5.06 10.38
N TYR D 134 -34.56 -4.78 10.30
CA TYR D 134 -35.05 -3.51 9.75
C TYR D 134 -34.38 -2.35 10.46
N GLU D 135 -34.36 -2.38 11.78
CA GLU D 135 -33.70 -1.31 12.56
C GLU D 135 -32.22 -1.25 12.16
N ASP D 136 -31.58 -2.42 12.07
CA ASP D 136 -30.15 -2.50 11.73
C ASP D 136 -29.91 -1.92 10.35
N LEU D 137 -30.79 -2.20 9.41
CA LEU D 137 -30.67 -1.65 8.04
C LEU D 137 -30.81 -0.13 8.05
N GLU D 138 -31.75 0.38 8.84
CA GLU D 138 -32.06 1.81 8.88
C GLU D 138 -30.94 2.58 9.59
N ASP D 139 -30.23 1.90 10.49
CA ASP D 139 -29.10 2.50 11.23
C ASP D 139 -27.89 2.66 10.34
N HIS D 140 -27.91 3.67 9.48
CA HIS D 140 -26.86 3.97 8.47
C HIS D 140 -25.54 4.29 9.14
N PRO D 141 -24.38 4.01 8.52
CA PRO D 141 -23.14 4.47 9.15
C PRO D 141 -23.13 6.00 9.24
N ASN D 142 -22.71 6.51 10.37
CA ASN D 142 -22.82 7.95 10.67
C ASN D 142 -21.52 8.45 11.26
N VAL D 143 -20.92 9.50 10.69
CA VAL D 143 -19.61 9.98 11.20
C VAL D 143 -19.82 10.48 12.63
N GLN D 144 -20.92 11.21 12.87
CA GLN D 144 -21.22 11.76 14.21
C GLN D 144 -21.41 10.65 15.22
N LYS D 145 -22.14 9.60 14.86
CA LYS D 145 -22.35 8.43 15.78
C LYS D 145 -21.03 7.73 16.09
N ASP D 146 -20.16 7.62 15.07
CA ASP D 146 -18.85 6.93 15.23
C ASP D 146 -17.99 7.74 16.22
N LEU D 147 -18.15 9.07 16.15
CA LEU D 147 -17.29 9.94 17.02
C LEU D 147 -17.69 9.79 18.48
N GLU D 148 -18.99 9.69 18.77
CA GLU D 148 -19.43 9.46 20.16
C GLU D 148 -18.93 8.10 20.63
N ARG D 149 -18.99 7.09 19.78
CA ARG D 149 -18.52 5.75 20.18
C ARG D 149 -17.01 5.82 20.46
N LEU D 150 -16.31 6.52 19.57
CA LEU D 150 -14.83 6.62 19.70
C LEU D 150 -14.43 7.47 20.90
N THR D 151 -15.21 8.51 21.20
CA THR D 151 -14.88 9.44 22.29
C THR D 151 -14.96 8.65 23.61
N GLN D 152 -15.96 7.80 23.78
CA GLN D 152 -16.13 7.07 25.05
C GLN D 152 -14.99 6.09 25.24
N GLU D 153 -14.66 5.36 24.18
CA GLU D 153 -13.47 4.47 24.13
C GLU D 153 -12.20 5.20 24.57
N ARG D 154 -12.04 6.45 24.19
CA ARG D 154 -10.82 7.23 24.47
C ARG D 154 -10.75 7.60 25.95
N ILE D 155 -11.94 7.83 26.52
CA ILE D 155 -12.13 8.29 27.93
C ILE D 155 -11.89 7.11 28.87
N ALA D 156 -12.02 5.90 28.34
CA ALA D 156 -11.79 4.64 29.07
C ALA D 156 -10.28 4.30 29.14
N HIS D 157 -9.40 5.02 28.45
CA HIS D 157 -7.92 4.76 28.43
C HIS D 157 -7.19 5.67 29.42
N GLN D 158 -7.88 6.22 30.44
CA GLN D 158 -7.46 7.44 31.20
C GLN D 158 -7.94 7.32 32.65
N SER E 20 -17.00 -8.65 44.21
CA SER E 20 -17.53 -7.28 44.01
C SER E 20 -16.78 -6.30 44.92
N GLU E 21 -16.52 -6.72 46.16
CA GLU E 21 -15.92 -5.85 47.20
C GLU E 21 -14.51 -5.47 46.74
N GLN E 22 -13.70 -6.49 46.49
CA GLN E 22 -12.26 -6.29 46.23
C GLN E 22 -12.02 -6.10 44.75
N LEU E 23 -13.04 -6.16 43.89
CA LEU E 23 -12.74 -5.97 42.44
C LEU E 23 -12.38 -4.53 42.16
N LYS E 24 -12.90 -3.57 42.92
CA LYS E 24 -12.49 -2.15 42.81
C LYS E 24 -11.00 -2.03 43.15
N CYS E 25 -10.57 -2.78 44.16
CA CYS E 25 -9.14 -2.81 44.54
C CYS E 25 -8.35 -3.48 43.43
N CYS E 26 -8.85 -4.55 42.82
CA CYS E 26 -8.19 -5.21 41.69
C CYS E 26 -7.99 -4.23 40.53
N SER E 27 -8.99 -3.38 40.33
CA SER E 27 -8.98 -2.34 39.29
C SER E 27 -7.90 -1.34 39.65
N GLY E 28 -7.81 -0.95 40.92
CA GLY E 28 -6.78 0.00 41.36
C GLY E 28 -5.40 -0.56 41.16
N ILE E 29 -5.24 -1.86 41.34
CA ILE E 29 -3.95 -2.54 41.18
C ILE E 29 -3.54 -2.41 39.71
N LEU E 30 -4.42 -2.72 38.81
CA LEU E 30 -4.11 -2.62 37.35
C LEU E 30 -3.76 -1.18 36.98
N LYS E 31 -4.49 -0.25 37.58
CA LYS E 31 -4.27 1.20 37.36
C LYS E 31 -2.82 1.54 37.74
N GLU E 32 -2.35 0.98 38.84
CA GLU E 32 -0.98 1.23 39.29
C GLU E 32 0.01 0.64 38.29
N MET E 33 -0.26 -0.54 37.75
CA MET E 33 0.63 -1.19 36.78
C MET E 33 0.74 -0.34 35.50
N PHE E 34 -0.37 0.28 35.13
CA PHE E 34 -0.46 1.14 33.91
C PHE E 34 0.20 2.51 34.16
N ALA E 35 0.47 2.84 35.42
CA ALA E 35 0.99 4.18 35.78
C ALA E 35 2.31 4.52 35.09
N LYS E 36 2.53 5.83 34.89
CA LYS E 36 3.76 6.36 34.27
C LYS E 36 4.95 5.95 35.09
N LYS E 37 4.76 5.77 36.39
CA LYS E 37 5.86 5.46 37.36
C LYS E 37 6.61 4.18 36.92
N HIS E 38 5.81 3.17 36.54
CA HIS E 38 6.29 1.81 36.23
C HIS E 38 6.57 1.65 34.73
N ALA E 39 6.32 2.67 33.92
CA ALA E 39 6.32 2.52 32.44
C ALA E 39 7.63 1.98 31.89
N ALA E 40 8.75 2.33 32.48
CA ALA E 40 10.07 1.96 31.92
C ALA E 40 10.25 0.44 31.91
N TYR E 41 9.46 -0.29 32.71
CA TYR E 41 9.54 -1.77 32.73
C TYR E 41 8.19 -2.42 32.40
N ALA E 42 7.12 -1.66 32.46
CA ALA E 42 5.74 -2.22 32.36
C ALA E 42 5.29 -2.34 30.90
N TRP E 43 5.89 -1.63 29.97
CA TRP E 43 5.32 -1.43 28.61
C TRP E 43 5.25 -2.72 27.76
N PRO E 44 6.12 -3.74 27.96
CA PRO E 44 6.00 -4.95 27.16
C PRO E 44 4.74 -5.77 27.42
N PHE E 45 4.07 -5.48 28.53
CA PHE E 45 2.87 -6.21 29.00
C PHE E 45 1.60 -5.38 28.79
N TYR E 46 1.74 -4.16 28.29
CA TYR E 46 0.58 -3.24 28.14
C TYR E 46 -0.47 -3.87 27.23
N LYS E 47 -0.04 -4.40 26.07
CA LYS E 47 -0.97 -4.95 25.06
C LYS E 47 -0.61 -6.42 24.76
N PRO E 48 -1.52 -7.20 24.14
CA PRO E 48 -1.19 -8.55 23.72
C PRO E 48 0.06 -8.69 22.87
N VAL E 49 0.66 -9.87 22.95
CA VAL E 49 1.94 -10.14 22.28
C VAL E 49 1.66 -10.23 20.77
N ASP E 50 2.36 -9.40 20.01
CA ASP E 50 2.18 -9.38 18.55
C ASP E 50 3.25 -10.27 17.95
N VAL E 51 2.93 -11.53 17.67
CA VAL E 51 3.94 -12.52 17.18
C VAL E 51 4.54 -12.07 15.85
N GLU E 52 3.73 -11.40 15.03
CA GLU E 52 4.23 -10.91 13.73
C GLU E 52 5.25 -9.79 13.92
N ALA E 53 4.86 -8.78 14.67
CA ALA E 53 5.70 -7.60 14.99
C ALA E 53 7.03 -8.01 15.60
N LEU E 54 6.98 -9.04 16.44
CA LEU E 54 8.15 -9.51 17.23
C LEU E 54 8.90 -10.62 16.51
N GLY E 55 8.28 -11.22 15.51
CA GLY E 55 8.91 -12.21 14.64
C GLY E 55 9.18 -13.51 15.37
N LEU E 56 8.15 -13.99 16.07
CA LEU E 56 8.24 -15.20 16.91
C LEU E 56 7.38 -16.23 16.21
N HIS E 57 8.04 -17.14 15.51
CA HIS E 57 7.41 -18.27 14.78
C HIS E 57 6.83 -19.32 15.75
N ASP E 58 7.31 -19.39 16.98
CA ASP E 58 7.03 -20.55 17.85
C ASP E 58 6.28 -20.16 19.13
N TYR E 59 5.98 -18.88 19.30
CA TYR E 59 5.29 -18.41 20.52
C TYR E 59 3.98 -19.16 20.77
N CYS E 60 3.09 -19.18 19.80
CA CYS E 60 1.74 -19.77 19.98
C CYS E 60 1.83 -21.29 20.12
N ASP E 61 2.92 -21.90 19.75
CA ASP E 61 3.12 -23.35 20.01
C ASP E 61 3.39 -23.53 21.50
N ILE E 62 4.23 -22.67 22.04
CA ILE E 62 4.75 -22.77 23.43
C ILE E 62 3.72 -22.24 24.42
N ILE E 63 3.12 -21.12 24.06
CA ILE E 63 2.15 -20.43 24.95
C ILE E 63 0.72 -20.78 24.57
N LYS E 64 0.13 -21.70 25.31
CA LYS E 64 -1.24 -22.18 25.02
C LYS E 64 -2.28 -21.09 25.25
N HIS E 65 -2.08 -20.24 26.25
CA HIS E 65 -3.06 -19.23 26.68
C HIS E 65 -2.36 -17.90 26.98
N PRO E 66 -2.13 -17.04 25.97
CA PRO E 66 -1.52 -15.73 26.17
C PRO E 66 -2.30 -14.84 27.13
N MET E 67 -1.63 -13.80 27.64
CA MET E 67 -2.31 -12.76 28.44
C MET E 67 -1.52 -11.45 28.47
N ASP E 68 -2.25 -10.36 28.66
CA ASP E 68 -1.68 -9.00 28.77
C ASP E 68 -2.54 -8.13 29.67
N MET E 69 -2.04 -6.93 29.95
CA MET E 69 -2.73 -6.02 30.88
C MET E 69 -4.01 -5.48 30.26
N SER E 70 -3.99 -5.14 28.98
CA SER E 70 -5.19 -4.65 28.28
C SER E 70 -6.32 -5.67 28.30
N THR E 71 -6.01 -6.92 28.05
CA THR E 71 -7.03 -7.99 28.08
C THR E 71 -7.62 -8.12 29.47
N ILE E 72 -6.77 -8.03 30.48
CA ILE E 72 -7.21 -8.09 31.91
C ILE E 72 -8.12 -6.90 32.20
N LYS E 73 -7.76 -5.71 31.74
CA LYS E 73 -8.61 -4.50 31.92
C LYS E 73 -10.01 -4.73 31.34
N SER E 74 -10.05 -5.25 30.13
CA SER E 74 -11.30 -5.60 29.40
C SER E 74 -12.11 -6.58 30.20
N LYS E 75 -11.47 -7.60 30.72
CA LYS E 75 -12.19 -8.66 31.49
C LYS E 75 -12.82 -8.05 32.76
N LEU E 76 -12.15 -7.04 33.30
CA LEU E 76 -12.60 -6.40 34.56
C LEU E 76 -13.90 -5.63 34.27
N GLU E 77 -13.81 -4.84 33.19
CA GLU E 77 -14.91 -3.95 32.70
C GLU E 77 -16.12 -4.82 32.31
N ALA E 78 -15.89 -6.05 31.86
CA ALA E 78 -16.91 -7.03 31.43
C ALA E 78 -17.38 -7.88 32.61
N ARG E 79 -17.13 -7.44 33.85
CA ARG E 79 -17.44 -8.22 35.07
C ARG E 79 -17.19 -9.72 34.78
N GLU E 80 -16.05 -10.09 34.18
CA GLU E 80 -15.72 -11.50 33.84
C GLU E 80 -14.99 -12.16 35.01
N TYR E 81 -14.50 -11.38 35.98
CA TYR E 81 -13.73 -12.02 37.08
C TYR E 81 -14.63 -12.28 38.28
N ARG E 82 -14.88 -13.55 38.60
CA ARG E 82 -15.79 -13.99 39.69
C ARG E 82 -15.37 -13.38 41.01
N ASP E 83 -14.06 -13.40 41.29
CA ASP E 83 -13.42 -12.99 42.57
C ASP E 83 -12.03 -12.39 42.29
N ALA E 84 -11.31 -11.94 43.31
CA ALA E 84 -9.94 -11.44 43.12
C ALA E 84 -8.95 -12.56 42.79
N GLN E 85 -9.25 -13.82 43.10
CA GLN E 85 -8.30 -14.91 42.88
C GLN E 85 -8.18 -15.18 41.38
N GLU E 86 -9.32 -15.05 40.69
CA GLU E 86 -9.35 -15.21 39.22
C GLU E 86 -8.62 -14.05 38.55
N PHE E 87 -8.68 -12.84 39.14
CA PHE E 87 -7.93 -11.70 38.61
C PHE E 87 -6.44 -11.98 38.75
N GLY E 88 -6.01 -12.36 39.92
CA GLY E 88 -4.59 -12.62 40.17
C GLY E 88 -4.08 -13.72 39.27
N ALA E 89 -4.85 -14.78 39.03
CA ALA E 89 -4.36 -15.90 38.19
C ALA E 89 -4.00 -15.45 36.78
N ASP E 90 -4.76 -14.50 36.24
CA ASP E 90 -4.45 -13.98 34.87
C ASP E 90 -3.26 -13.05 34.93
N VAL E 91 -3.08 -12.28 36.00
CA VAL E 91 -1.89 -11.42 36.11
C VAL E 91 -0.66 -12.30 36.21
N ARG E 92 -0.76 -13.35 37.02
CA ARG E 92 0.36 -14.30 37.17
C ARG E 92 0.59 -15.13 35.91
N LEU E 93 -0.45 -15.38 35.16
CA LEU E 93 -0.34 -16.07 33.85
C LEU E 93 0.43 -15.20 32.88
N MET E 94 0.14 -13.90 32.82
CA MET E 94 0.87 -12.94 31.96
C MET E 94 2.36 -13.08 32.24
N PHE E 95 2.73 -13.12 33.52
CA PHE E 95 4.16 -13.20 33.92
C PHE E 95 4.73 -14.59 33.66
N SER E 96 4.02 -15.62 34.03
CA SER E 96 4.44 -17.03 33.81
C SER E 96 4.75 -17.27 32.35
N ASN E 97 3.89 -16.78 31.45
CA ASN E 97 4.09 -16.93 30.00
C ASN E 97 5.41 -16.34 29.57
N CYS E 98 5.76 -15.20 30.11
CA CYS E 98 7.03 -14.51 29.82
C CYS E 98 8.20 -15.34 30.32
N TYR E 99 8.12 -15.89 31.53
CA TYR E 99 9.21 -16.71 32.12
C TYR E 99 9.37 -17.99 31.29
N LYS E 100 8.25 -18.54 30.87
CA LYS E 100 8.23 -19.82 30.16
C LYS E 100 8.89 -19.73 28.79
N TYR E 101 8.59 -18.67 28.04
CA TYR E 101 9.10 -18.46 26.67
C TYR E 101 10.56 -18.04 26.69
N ASN E 102 11.02 -17.25 27.63
CA ASN E 102 12.34 -16.59 27.54
C ASN E 102 13.38 -17.20 28.48
N PRO E 103 14.68 -17.01 28.19
CA PRO E 103 15.74 -17.45 29.10
C PRO E 103 15.81 -16.54 30.33
N PRO E 104 16.30 -17.03 31.48
CA PRO E 104 16.33 -16.21 32.70
C PRO E 104 17.13 -14.90 32.62
N ASP E 105 18.16 -14.84 31.79
CA ASP E 105 18.99 -13.61 31.71
C ASP E 105 18.40 -12.58 30.76
N HIS E 106 17.29 -12.84 30.12
CA HIS E 106 16.72 -11.97 29.08
C HIS E 106 16.18 -10.69 29.71
N GLU E 107 16.25 -9.61 28.95
CA GLU E 107 15.89 -8.26 29.44
C GLU E 107 14.42 -8.24 29.79
N VAL E 108 13.58 -8.81 28.93
CA VAL E 108 12.10 -8.74 29.16
C VAL E 108 11.73 -9.46 30.45
N VAL E 109 12.52 -10.47 30.79
CA VAL E 109 12.30 -11.26 32.03
C VAL E 109 12.58 -10.35 33.23
N ALA E 110 13.66 -9.58 33.19
CA ALA E 110 13.96 -8.63 34.27
C ALA E 110 12.83 -7.62 34.44
N MET E 111 12.34 -7.06 33.32
CA MET E 111 11.22 -6.10 33.36
C MET E 111 9.98 -6.76 33.96
N ALA E 112 9.72 -8.00 33.56
CA ALA E 112 8.56 -8.76 34.08
C ALA E 112 8.66 -8.91 35.60
N ARG E 113 9.81 -9.24 36.13
CA ARG E 113 9.98 -9.42 37.58
C ARG E 113 9.76 -8.08 38.30
N LYS E 114 10.22 -6.98 37.70
CA LYS E 114 10.07 -5.64 38.29
C LYS E 114 8.60 -5.27 38.35
N LEU E 115 7.80 -5.59 37.33
CA LEU E 115 6.38 -5.28 37.39
C LEU E 115 5.68 -6.20 38.37
N GLN E 116 6.00 -7.46 38.34
CA GLN E 116 5.44 -8.45 39.30
C GLN E 116 5.70 -8.03 40.74
N ASP E 117 6.81 -7.37 41.01
CA ASP E 117 7.11 -6.81 42.33
C ASP E 117 5.97 -5.92 42.78
N VAL E 118 5.62 -4.99 41.88
CA VAL E 118 4.50 -4.05 42.13
C VAL E 118 3.21 -4.83 42.38
N PHE E 119 2.88 -5.75 41.50
CA PHE E 119 1.58 -6.46 41.61
C PHE E 119 1.54 -7.28 42.90
N GLU E 120 2.60 -8.04 43.18
CA GLU E 120 2.53 -8.96 44.33
C GLU E 120 2.36 -8.20 45.64
N MET E 121 3.00 -7.04 45.74
CA MET E 121 2.94 -6.23 46.97
C MET E 121 1.51 -5.73 47.22
N ARG E 122 0.87 -5.19 46.18
CA ARG E 122 -0.48 -4.64 46.27
C ARG E 122 -1.48 -5.76 46.45
N PHE E 123 -1.31 -6.85 45.74
CA PHE E 123 -2.26 -7.97 45.79
C PHE E 123 -2.29 -8.58 47.18
N ALA E 124 -1.13 -8.61 47.85
CA ALA E 124 -1.01 -9.17 49.21
C ALA E 124 -1.80 -8.33 50.22
N LYS E 125 -1.89 -7.02 50.01
CA LYS E 125 -2.71 -6.15 50.88
C LYS E 125 -4.16 -6.02 50.41
N MET E 126 -4.76 -7.14 50.02
CA MET E 126 -6.19 -7.29 49.80
C MET E 126 -6.89 -7.50 51.13
N PRO E 127 -7.92 -6.69 51.50
CA PRO E 127 -8.67 -6.92 52.73
C PRO E 127 -9.45 -8.25 52.71
N ASP E 128 -10.17 -8.54 53.80
CA ASP E 128 -11.36 -9.46 53.89
C ASP E 128 -11.62 -9.79 55.37
N MET F 1 -9.01 5.06 -17.35
CA MET F 1 -7.77 5.84 -17.02
C MET F 1 -6.98 6.11 -18.30
N ASP F 2 -5.73 6.52 -18.14
CA ASP F 2 -4.85 6.82 -19.30
C ASP F 2 -4.42 5.52 -19.99
N VAL F 3 -4.31 5.59 -21.33
CA VAL F 3 -3.68 4.54 -22.15
C VAL F 3 -2.53 5.16 -22.94
N PHE F 4 -1.47 4.39 -23.14
CA PHE F 4 -0.22 4.89 -23.76
C PHE F 4 0.03 4.15 -25.06
N LEU F 5 0.32 4.92 -26.12
CA LEU F 5 0.20 4.41 -27.50
C LEU F 5 1.45 4.68 -28.34
N MET F 6 1.72 3.79 -29.30
CA MET F 6 2.58 4.14 -30.46
C MET F 6 1.68 4.18 -31.68
N ILE F 7 1.48 5.34 -32.26
CA ILE F 7 0.71 5.44 -33.52
C ILE F 7 1.66 5.39 -34.69
N ARG F 8 1.57 4.36 -35.53
CA ARG F 8 2.65 4.06 -36.53
C ARG F 8 2.13 3.92 -37.97
N ARG F 9 2.78 4.62 -38.91
CA ARG F 9 2.62 4.48 -40.37
C ARG F 9 4.01 4.56 -41.03
N HIS F 10 4.29 3.66 -41.97
CA HIS F 10 5.59 3.56 -42.65
C HIS F 10 6.71 3.63 -41.59
N LYS F 11 7.63 4.57 -41.69
CA LYS F 11 8.73 4.68 -40.69
C LYS F 11 8.40 5.79 -39.68
N THR F 12 7.16 6.22 -39.59
CA THR F 12 6.79 7.23 -38.59
C THR F 12 6.15 6.52 -37.42
N THR F 13 6.49 6.96 -36.23
CA THR F 13 5.97 6.44 -34.94
C THR F 13 5.73 7.62 -34.00
N ILE F 14 4.52 7.74 -33.52
CA ILE F 14 4.12 8.80 -32.57
C ILE F 14 3.93 8.20 -31.18
N PHE F 15 4.64 8.71 -30.18
CA PHE F 15 4.38 8.42 -28.76
C PHE F 15 3.43 9.48 -28.23
N THR F 16 2.22 9.02 -27.92
CA THR F 16 1.15 9.86 -27.34
C THR F 16 0.27 9.02 -26.42
N ASP F 17 -0.42 9.73 -25.54
CA ASP F 17 -1.31 9.10 -24.54
C ASP F 17 -2.73 9.63 -24.69
N ALA F 18 -3.72 8.84 -24.26
CA ALA F 18 -5.12 9.27 -24.16
C ALA F 18 -5.82 8.38 -23.12
N LYS F 19 -7.09 8.66 -22.85
CA LYS F 19 -7.81 7.90 -21.82
C LYS F 19 -8.54 6.71 -22.46
N GLU F 20 -8.89 5.74 -21.63
CA GLU F 20 -9.70 4.58 -22.06
C GLU F 20 -11.02 5.08 -22.61
N SER F 21 -11.55 6.10 -21.96
CA SER F 21 -12.86 6.69 -22.26
C SER F 21 -12.90 7.48 -23.55
N SER F 22 -11.74 7.93 -24.03
CA SER F 22 -11.57 8.58 -25.34
C SER F 22 -12.00 7.70 -26.50
N THR F 23 -12.46 8.35 -27.57
CA THR F 23 -12.98 7.65 -28.77
C THR F 23 -11.90 7.59 -29.83
N VAL F 24 -12.04 6.68 -30.80
CA VAL F 24 -11.09 6.59 -31.93
C VAL F 24 -11.06 7.94 -32.65
N PHE F 25 -12.17 8.64 -32.74
CA PHE F 25 -12.22 9.91 -33.47
C PHE F 25 -11.27 10.95 -32.89
N GLU F 26 -11.29 11.14 -31.58
CA GLU F 26 -10.38 12.02 -30.83
C GLU F 26 -8.93 11.67 -31.19
N LEU F 27 -8.66 10.37 -31.24
CA LEU F 27 -7.28 9.91 -31.55
C LEU F 27 -6.88 10.38 -32.93
N LYS F 28 -7.79 10.27 -33.90
CA LYS F 28 -7.65 10.90 -35.24
C LYS F 28 -7.44 12.41 -35.09
N ARG F 29 -8.13 13.04 -34.13
CA ARG F 29 -8.01 14.49 -33.90
C ARG F 29 -6.59 14.84 -33.41
N ILE F 30 -6.06 13.99 -32.53
CA ILE F 30 -4.67 14.17 -32.02
C ILE F 30 -3.71 14.04 -33.20
N VAL F 31 -3.92 13.05 -34.06
CA VAL F 31 -3.06 12.84 -35.24
C VAL F 31 -3.13 14.05 -36.14
N GLU F 32 -4.35 14.54 -36.39
CA GLU F 32 -4.54 15.75 -37.25
C GLU F 32 -3.67 16.91 -36.72
N GLY F 33 -3.70 17.11 -35.42
CA GLY F 33 -2.91 18.19 -34.80
C GLY F 33 -1.44 18.06 -35.06
N ILE F 34 -0.94 16.84 -34.99
CA ILE F 34 0.53 16.55 -35.10
C ILE F 34 0.97 16.50 -36.57
N LEU F 35 0.25 15.71 -37.38
CA LEU F 35 0.70 15.36 -38.75
C LEU F 35 -0.04 16.16 -39.83
N LYS F 36 -0.95 17.05 -39.45
CA LYS F 36 -1.63 17.91 -40.44
C LYS F 36 -2.39 17.07 -41.50
N ARG F 37 -3.25 16.15 -41.05
CA ARG F 37 -4.05 15.34 -41.96
C ARG F 37 -5.39 15.10 -41.28
N PRO F 38 -6.51 15.43 -41.92
CA PRO F 38 -7.81 15.39 -41.24
C PRO F 38 -8.34 13.97 -40.97
N PRO F 39 -9.15 13.81 -39.89
CA PRO F 39 -9.70 12.53 -39.49
C PRO F 39 -10.44 11.75 -40.58
N ASP F 40 -11.03 12.45 -41.56
CA ASP F 40 -11.74 11.73 -42.65
C ASP F 40 -10.74 11.06 -43.60
N GLU F 41 -9.62 11.74 -43.87
CA GLU F 41 -8.53 11.11 -44.68
C GLU F 41 -7.85 9.94 -43.95
N GLN F 42 -8.00 9.81 -42.65
CA GLN F 42 -7.25 8.84 -41.81
C GLN F 42 -8.01 7.51 -41.66
N ARG F 43 -7.27 6.44 -41.43
CA ARG F 43 -7.83 5.14 -41.02
C ARG F 43 -6.96 4.58 -39.89
N LEU F 44 -7.59 4.15 -38.80
CA LEU F 44 -6.86 3.61 -37.63
C LEU F 44 -7.11 2.13 -37.40
N TYR F 45 -6.12 1.38 -37.00
CA TYR F 45 -6.22 -0.10 -36.83
C TYR F 45 -5.55 -0.58 -35.54
N LYS F 46 -6.14 -1.60 -34.93
CA LYS F 46 -5.51 -2.49 -33.94
C LYS F 46 -5.17 -3.79 -34.70
N ASP F 47 -3.88 -4.01 -34.83
CA ASP F 47 -3.29 -5.01 -35.76
C ASP F 47 -3.95 -4.83 -37.13
N ASP F 48 -4.65 -5.85 -37.60
CA ASP F 48 -5.30 -5.78 -38.95
C ASP F 48 -6.67 -5.11 -38.85
N GLN F 49 -7.31 -5.25 -37.70
CA GLN F 49 -8.71 -4.86 -37.47
C GLN F 49 -8.88 -3.35 -37.48
N LEU F 50 -9.75 -2.89 -38.37
CA LEU F 50 -10.16 -1.48 -38.51
C LEU F 50 -10.99 -1.04 -37.29
N LEU F 51 -10.72 0.14 -36.80
CA LEU F 51 -11.35 0.70 -35.57
C LEU F 51 -12.45 1.68 -35.97
N ASP F 52 -13.70 1.41 -35.61
CA ASP F 52 -14.79 2.38 -35.86
C ASP F 52 -14.54 3.66 -35.07
N ASP F 53 -14.82 4.79 -35.74
CA ASP F 53 -14.65 6.12 -35.11
C ASP F 53 -15.42 6.22 -33.79
N GLY F 54 -16.58 5.58 -33.73
CA GLY F 54 -17.46 5.72 -32.56
C GLY F 54 -16.90 5.08 -31.31
N LYS F 55 -16.36 3.89 -31.47
CA LYS F 55 -15.91 3.04 -30.31
C LYS F 55 -14.87 3.75 -29.46
N THR F 56 -14.95 3.60 -28.14
CA THR F 56 -13.92 4.10 -27.20
C THR F 56 -12.70 3.20 -27.25
N LEU F 57 -11.54 3.72 -26.87
CA LEU F 57 -10.29 2.96 -26.93
C LEU F 57 -10.39 1.78 -25.98
N GLY F 58 -11.00 1.98 -24.82
CA GLY F 58 -11.22 0.85 -23.89
C GLY F 58 -12.08 -0.21 -24.54
N GLU F 59 -13.11 0.20 -25.26
CA GLU F 59 -14.01 -0.74 -25.95
C GLU F 59 -13.21 -1.55 -26.97
N CYS F 60 -12.27 -0.89 -27.65
CA CYS F 60 -11.45 -1.53 -28.70
C CYS F 60 -10.39 -2.48 -28.12
N GLY F 61 -10.19 -2.46 -26.81
CA GLY F 61 -9.28 -3.40 -26.13
C GLY F 61 -7.96 -2.79 -25.64
N PHE F 62 -7.86 -1.47 -25.72
CA PHE F 62 -6.79 -0.69 -25.06
C PHE F 62 -7.18 -0.43 -23.61
N THR F 63 -6.46 -1.02 -22.66
CA THR F 63 -6.61 -0.75 -21.22
C THR F 63 -5.33 -0.14 -20.69
N SER F 64 -5.40 0.43 -19.50
CA SER F 64 -4.20 0.89 -18.74
C SER F 64 -3.22 -0.28 -18.53
N GLN F 65 -3.79 -1.45 -18.30
CA GLN F 65 -2.96 -2.66 -18.08
C GLN F 65 -2.35 -3.19 -19.38
N THR F 66 -3.00 -2.97 -20.55
CA THR F 66 -2.43 -3.47 -21.83
C THR F 66 -1.61 -2.38 -22.55
N ALA F 67 -1.67 -1.14 -22.09
CA ALA F 67 -1.05 -0.01 -22.79
C ALA F 67 -0.40 0.91 -21.77
N ARG F 68 0.73 0.42 -21.27
CA ARG F 68 1.47 1.12 -20.20
C ARG F 68 2.52 2.07 -20.78
N PRO F 69 2.92 3.10 -20.02
CA PRO F 69 4.00 4.01 -20.43
C PRO F 69 5.29 3.32 -20.90
N GLN F 70 5.71 2.33 -20.15
CA GLN F 70 6.97 1.59 -20.45
C GLN F 70 6.74 0.49 -21.48
N ALA F 71 5.48 0.17 -21.80
CA ALA F 71 5.14 -0.86 -22.82
C ALA F 71 3.88 -0.46 -23.60
N PRO F 72 3.94 0.61 -24.41
CA PRO F 72 2.75 1.12 -25.05
C PRO F 72 2.23 0.17 -26.14
N ALA F 73 0.94 0.31 -26.39
CA ALA F 73 0.24 -0.45 -27.42
C ALA F 73 0.37 0.25 -28.76
N THR F 74 0.32 -0.54 -29.82
CA THR F 74 0.51 -0.06 -31.21
C THR F 74 -0.83 0.18 -31.88
N VAL F 75 -0.95 1.30 -32.58
CA VAL F 75 -2.14 1.69 -33.35
C VAL F 75 -1.67 1.92 -34.79
N GLY F 76 -2.31 1.23 -35.74
CA GLY F 76 -1.97 1.37 -37.16
C GLY F 76 -2.55 2.62 -37.76
N LEU F 77 -1.88 3.20 -38.75
CA LEU F 77 -2.40 4.38 -39.48
C LEU F 77 -2.24 4.21 -40.98
N ALA F 78 -3.30 4.55 -41.72
CA ALA F 78 -3.29 4.63 -43.20
C ALA F 78 -3.90 5.94 -43.67
N PHE F 79 -3.28 6.56 -44.67
CA PHE F 79 -3.86 7.73 -45.37
C PHE F 79 -4.63 7.32 -46.64
N ARG F 80 -5.66 8.09 -47.01
CA ARG F 80 -6.28 8.14 -48.36
C ARG F 80 -5.47 9.15 -49.19
N ALA F 81 -5.34 8.93 -50.50
CA ALA F 81 -4.70 9.84 -51.48
C ALA F 81 -5.24 9.49 -52.87
N ASP F 82 -5.50 10.48 -53.72
CA ASP F 82 -6.40 10.34 -54.90
C ASP F 82 -7.67 9.62 -54.41
N ASP F 83 -8.21 10.07 -53.26
CA ASP F 83 -9.52 9.71 -52.64
C ASP F 83 -9.76 8.20 -52.60
N THR F 84 -8.72 7.41 -52.32
CA THR F 84 -8.88 6.00 -51.87
C THR F 84 -7.72 5.59 -50.94
N PHE F 85 -8.05 4.74 -49.98
CA PHE F 85 -7.14 4.34 -48.87
C PHE F 85 -5.99 3.50 -49.39
N GLU F 86 -4.76 3.84 -49.02
CA GLU F 86 -3.62 2.91 -49.18
C GLU F 86 -3.81 1.70 -48.28
N ALA F 87 -3.11 0.61 -48.56
CA ALA F 87 -2.96 -0.49 -47.60
C ALA F 87 -2.14 -0.02 -46.41
N LEU F 88 -2.50 -0.47 -45.22
CA LEU F 88 -1.71 -0.19 -43.98
C LEU F 88 -0.37 -0.92 -44.03
N CYS F 89 0.70 -0.16 -43.86
CA CYS F 89 2.07 -0.71 -43.84
C CYS F 89 2.89 -0.04 -42.75
N ILE F 90 3.34 -0.83 -41.77
CA ILE F 90 4.27 -0.31 -40.73
C ILE F 90 5.60 -1.06 -40.87
N GLU F 91 6.66 -0.31 -41.18
CA GLU F 91 8.03 -0.85 -41.25
C GLU F 91 8.44 -1.27 -39.84
N PRO F 92 8.92 -2.52 -39.66
CA PRO F 92 9.50 -2.93 -38.37
C PRO F 92 10.80 -2.20 -38.00
N PHE F 93 11.08 -2.15 -36.72
CA PHE F 93 12.33 -1.56 -36.20
C PHE F 93 13.48 -2.53 -36.51
N SER F 94 14.69 -2.02 -36.33
CA SER F 94 15.90 -2.86 -36.50
C SER F 94 15.87 -4.05 -35.56
N SER F 95 16.55 -5.15 -35.91
CA SER F 95 16.83 -6.24 -34.95
C SER F 95 18.06 -5.92 -34.10
N PRO F 96 18.03 -6.26 -32.79
CA PRO F 96 19.26 -6.25 -31.99
C PRO F 96 20.19 -7.35 -32.46
N PRO F 97 21.52 -7.23 -32.24
CA PRO F 97 22.44 -8.36 -32.39
C PRO F 97 22.14 -9.54 -31.46
N GLU F 98 22.66 -10.71 -31.81
CA GLU F 98 22.39 -11.94 -31.03
C GLU F 98 23.04 -11.78 -29.66
N LEU F 99 22.42 -12.36 -28.64
CA LEU F 99 22.82 -12.17 -27.24
C LEU F 99 24.24 -12.72 -27.05
N PRO F 100 25.17 -11.92 -26.50
CA PRO F 100 26.56 -12.34 -26.28
C PRO F 100 26.74 -13.55 -25.35
N ASP F 101 27.87 -14.22 -25.54
CA ASP F 101 28.24 -15.44 -24.78
C ASP F 101 28.32 -15.13 -23.28
N VAL F 102 28.94 -14.03 -22.91
CA VAL F 102 29.09 -13.70 -21.46
C VAL F 102 27.73 -13.58 -20.76
N MET F 103 26.66 -13.33 -21.51
CA MET F 103 25.29 -13.20 -20.90
C MET F 103 24.52 -14.52 -21.01
N LYS F 104 25.04 -15.47 -21.78
CA LYS F 104 24.25 -16.63 -22.29
C LYS F 104 24.11 -17.64 -21.14
N MET G 2 3.28 20.83 -28.33
CA MET G 2 4.64 20.85 -28.94
C MET G 2 5.31 19.48 -28.88
N TYR G 3 5.60 18.94 -30.06
CA TYR G 3 6.29 17.66 -30.20
C TYR G 3 7.65 17.92 -30.85
N VAL G 4 8.49 16.89 -30.84
CA VAL G 4 9.79 16.92 -31.56
C VAL G 4 9.98 15.62 -32.29
N LYS G 5 10.89 15.65 -33.28
CA LYS G 5 11.20 14.49 -34.14
C LYS G 5 12.53 13.92 -33.69
N LEU G 6 12.55 12.66 -33.31
CA LEU G 6 13.80 11.92 -33.06
C LEU G 6 14.00 10.89 -34.17
N ILE G 7 15.15 11.03 -34.83
CA ILE G 7 15.51 10.16 -35.98
C ILE G 7 16.58 9.15 -35.58
N SER G 8 16.28 7.87 -35.81
CA SER G 8 17.19 6.76 -35.48
C SER G 8 18.31 6.68 -36.51
N SER G 9 19.29 5.83 -36.29
CA SER G 9 20.36 5.63 -37.28
C SER G 9 19.82 4.98 -38.54
N ASP G 10 18.76 4.15 -38.44
CA ASP G 10 18.19 3.50 -39.64
C ASP G 10 17.02 4.31 -40.25
N GLY G 11 16.89 5.59 -39.90
CA GLY G 11 15.96 6.51 -40.57
C GLY G 11 14.53 6.46 -40.08
N HIS G 12 14.24 5.84 -38.95
CA HIS G 12 12.91 5.85 -38.32
C HIS G 12 12.63 7.20 -37.69
N GLU G 13 11.41 7.66 -37.86
CA GLU G 13 10.92 8.93 -37.26
C GLU G 13 10.08 8.63 -36.02
N PHE G 14 10.53 9.15 -34.88
CA PHE G 14 9.81 9.03 -33.60
C PHE G 14 9.30 10.40 -33.20
N ILE G 15 7.98 10.57 -33.04
CA ILE G 15 7.43 11.89 -32.63
C ILE G 15 6.95 11.81 -31.21
N VAL G 16 7.60 12.59 -30.34
CA VAL G 16 7.32 12.59 -28.87
C VAL G 16 7.10 14.01 -28.38
N LYS G 17 6.36 14.14 -27.28
CA LYS G 17 6.15 15.43 -26.59
C LYS G 17 7.49 16.05 -26.26
N ARG G 18 7.62 17.37 -26.44
CA ARG G 18 8.90 18.02 -26.11
C ARG G 18 9.23 17.76 -24.64
N GLU G 19 8.25 17.93 -23.74
CA GLU G 19 8.49 17.80 -22.28
C GLU G 19 9.07 16.42 -21.94
N HIS G 20 8.64 15.41 -22.66
CA HIS G 20 9.10 14.01 -22.45
C HIS G 20 10.56 13.89 -22.85
N ALA G 21 10.86 14.42 -24.03
CA ALA G 21 12.20 14.35 -24.66
C ALA G 21 13.22 15.07 -23.78
N LEU G 22 12.78 16.10 -23.05
CA LEU G 22 13.68 16.90 -22.20
C LEU G 22 14.32 16.07 -21.07
N THR G 23 13.78 14.90 -20.80
CA THR G 23 14.35 13.96 -19.82
C THR G 23 15.83 13.72 -20.11
N SER G 24 16.21 13.73 -21.37
CA SER G 24 17.63 13.61 -21.80
C SER G 24 18.40 14.91 -21.59
N GLY G 25 19.52 14.89 -20.90
CA GLY G 25 20.37 16.08 -20.76
C GLY G 25 21.02 16.46 -22.05
N THR G 26 21.45 15.45 -22.80
CA THR G 26 22.04 15.64 -24.15
C THR G 26 21.06 16.33 -25.10
N ILE G 27 19.81 15.91 -25.11
CA ILE G 27 18.77 16.53 -25.97
C ILE G 27 18.43 17.95 -25.51
N LYS G 28 18.36 18.16 -24.21
CA LYS G 28 17.99 19.48 -23.63
C LYS G 28 18.97 20.52 -24.20
N ALA G 29 20.24 20.13 -24.26
CA ALA G 29 21.35 21.00 -24.72
C ALA G 29 21.22 21.26 -26.24
N MET G 30 20.94 20.21 -27.02
CA MET G 30 20.85 20.20 -28.51
C MET G 30 19.64 21.00 -29.03
N LEU G 31 18.58 21.11 -28.23
CA LEU G 31 17.35 21.89 -28.55
C LEU G 31 17.60 23.37 -28.20
N SER G 32 18.21 23.66 -27.05
CA SER G 32 18.64 25.05 -26.71
C SER G 32 19.87 25.43 -27.55
N ASN G 43 13.90 21.68 -33.76
CA ASN G 43 12.64 20.88 -33.71
C ASN G 43 12.87 19.46 -34.22
N GLU G 44 14.04 19.19 -34.83
CA GLU G 44 14.41 17.85 -35.33
C GLU G 44 15.77 17.44 -34.77
N VAL G 45 15.92 16.15 -34.39
CA VAL G 45 17.22 15.63 -33.88
C VAL G 45 17.60 14.27 -34.46
N ASN G 46 18.79 14.22 -35.06
CA ASN G 46 19.29 13.02 -35.76
C ASN G 46 20.35 12.33 -34.91
N PHE G 47 20.23 11.01 -34.78
CA PHE G 47 21.20 10.22 -34.00
C PHE G 47 21.91 9.26 -34.92
N ARG G 48 23.19 9.52 -35.19
CA ARG G 48 23.93 8.71 -36.19
C ARG G 48 24.11 7.27 -35.68
N GLU G 49 24.05 7.08 -34.36
CA GLU G 49 24.53 5.82 -33.70
C GLU G 49 23.35 4.91 -33.26
N ILE G 50 22.30 5.51 -32.74
CA ILE G 50 21.22 4.71 -32.06
C ILE G 50 20.26 4.16 -33.11
N PRO G 51 20.06 2.83 -33.21
CA PRO G 51 19.04 2.27 -34.11
C PRO G 51 17.61 2.30 -33.56
N SER G 52 16.67 1.91 -34.40
CA SER G 52 15.22 2.16 -34.18
C SER G 52 14.71 1.42 -32.95
N HIS G 53 15.18 0.18 -32.78
CA HIS G 53 14.73 -0.69 -31.65
C HIS G 53 15.19 -0.09 -30.33
N VAL G 54 16.28 0.66 -30.37
CA VAL G 54 16.85 1.30 -29.15
C VAL G 54 16.19 2.66 -28.97
N LEU G 55 16.05 3.48 -29.99
CA LEU G 55 15.42 4.81 -29.79
C LEU G 55 13.94 4.68 -29.42
N SER G 56 13.28 3.63 -29.90
CA SER G 56 11.88 3.37 -29.52
C SER G 56 11.86 3.08 -28.03
N LYS G 57 12.75 2.23 -27.57
CA LYS G 57 12.81 1.85 -26.16
C LYS G 57 13.18 3.06 -25.30
N VAL G 58 14.01 3.94 -25.82
CA VAL G 58 14.43 5.15 -25.07
C VAL G 58 13.22 6.04 -24.90
N CYS G 59 12.45 6.21 -25.96
CA CYS G 59 11.23 7.07 -25.90
C CYS G 59 10.24 6.52 -24.88
N MET G 60 10.12 5.19 -24.80
CA MET G 60 9.24 4.58 -23.80
C MET G 60 9.69 4.99 -22.41
N TYR G 61 11.00 5.04 -22.20
CA TYR G 61 11.56 5.47 -20.90
C TYR G 61 11.12 6.90 -20.60
N PHE G 62 11.22 7.80 -21.56
CA PHE G 62 10.86 9.21 -21.33
C PHE G 62 9.43 9.30 -20.81
N THR G 63 8.52 8.60 -21.47
CA THR G 63 7.11 8.48 -21.02
C THR G 63 7.02 7.93 -19.62
N TYR G 64 7.73 6.86 -19.32
CA TYR G 64 7.75 6.24 -17.99
C TYR G 64 8.18 7.25 -16.94
N LYS G 65 9.26 7.96 -17.21
CA LYS G 65 9.88 8.90 -16.24
C LYS G 65 8.89 10.03 -15.95
N VAL G 66 8.26 10.58 -17.00
CA VAL G 66 7.34 11.72 -16.80
C VAL G 66 6.14 11.25 -15.96
N ARG G 67 5.63 10.07 -16.34
CA ARG G 67 4.36 9.57 -15.76
C ARG G 67 4.58 9.25 -14.29
N TYR G 68 5.74 8.77 -13.93
CA TYR G 68 5.96 8.04 -12.65
C TYR G 68 6.83 8.86 -11.70
N THR G 69 7.49 9.91 -12.19
CA THR G 69 8.27 10.82 -11.32
C THR G 69 7.25 11.62 -10.51
N ASN G 70 7.48 11.74 -9.22
CA ASN G 70 6.51 12.40 -8.30
C ASN G 70 5.15 11.70 -8.35
N SER G 71 5.21 10.39 -8.24
CA SER G 71 4.05 9.51 -7.97
C SER G 71 4.17 9.01 -6.53
N SER G 72 3.12 9.16 -5.74
CA SER G 72 3.23 9.03 -4.25
C SER G 72 3.36 7.57 -3.74
N THR G 73 2.61 6.60 -4.28
CA THR G 73 2.30 5.30 -3.60
C THR G 73 2.91 4.04 -4.26
N GLU G 74 3.10 3.97 -5.60
CA GLU G 74 3.61 2.72 -6.29
C GLU G 74 4.04 2.92 -7.74
N ILE G 75 5.23 2.48 -8.02
CA ILE G 75 5.94 2.62 -9.32
C ILE G 75 6.26 1.23 -9.83
N PRO G 76 5.99 0.90 -11.11
CA PRO G 76 6.45 -0.38 -11.65
C PRO G 76 7.88 -0.34 -12.19
N GLU G 77 8.42 -1.53 -12.39
CA GLU G 77 9.79 -1.75 -12.90
C GLU G 77 9.86 -1.31 -14.35
N PHE G 78 10.95 -0.64 -14.70
CA PHE G 78 11.25 -0.38 -16.13
C PHE G 78 11.94 -1.61 -16.76
N PRO G 79 11.25 -2.33 -17.67
CA PRO G 79 11.77 -3.59 -18.22
C PRO G 79 12.80 -3.40 -19.34
N ILE G 80 13.82 -4.25 -19.31
CA ILE G 80 14.85 -4.32 -20.38
C ILE G 80 15.07 -5.78 -20.75
N ALA G 81 14.83 -6.11 -22.01
CA ALA G 81 15.20 -7.41 -22.58
C ALA G 81 16.73 -7.56 -22.57
N PRO G 82 17.26 -8.75 -22.24
CA PRO G 82 18.70 -8.99 -22.32
C PRO G 82 19.33 -8.59 -23.66
N GLU G 83 18.63 -8.81 -24.77
CA GLU G 83 19.28 -8.53 -26.08
C GLU G 83 19.51 -7.02 -26.32
N ILE G 84 18.72 -6.15 -25.70
CA ILE G 84 18.91 -4.68 -25.90
C ILE G 84 19.68 -4.01 -24.74
N ALA G 85 19.89 -4.74 -23.66
CA ALA G 85 20.61 -4.20 -22.49
C ALA G 85 21.90 -3.47 -22.89
N LEU G 86 22.72 -4.10 -23.72
CA LEU G 86 24.07 -3.51 -23.99
C LEU G 86 23.92 -2.25 -24.82
N GLU G 87 23.10 -2.31 -25.86
CA GLU G 87 22.88 -1.13 -26.71
C GLU G 87 22.17 -0.02 -25.92
N LEU G 88 21.18 -0.40 -25.13
CA LEU G 88 20.34 0.59 -24.40
C LEU G 88 21.20 1.32 -23.37
N LEU G 89 22.13 0.56 -22.75
CA LEU G 89 23.11 1.15 -21.81
C LEU G 89 23.93 2.20 -22.52
N MET G 90 24.32 1.96 -23.76
CA MET G 90 25.22 2.89 -24.49
C MET G 90 24.44 4.17 -24.80
N ALA G 91 23.21 3.97 -25.27
CA ALA G 91 22.30 5.09 -25.58
C ALA G 91 22.12 5.95 -24.33
N ALA G 92 21.75 5.29 -23.23
CA ALA G 92 21.45 5.98 -21.95
C ALA G 92 22.63 6.85 -21.54
N ASN G 93 23.82 6.30 -21.68
CA ASN G 93 25.07 6.99 -21.35
C ASN G 93 25.23 8.21 -22.24
N PHE G 94 24.99 8.05 -23.53
CA PHE G 94 25.08 9.16 -24.51
C PHE G 94 24.06 10.28 -24.24
N LEU G 95 22.84 9.87 -23.83
CA LEU G 95 21.72 10.86 -23.73
C LEU G 95 21.65 11.53 -22.35
N ASP G 96 22.41 11.01 -21.40
CA ASP G 96 22.45 11.51 -20.00
C ASP G 96 21.06 11.45 -19.39
N CYS G 97 20.49 10.26 -19.25
CA CYS G 97 19.13 10.12 -18.71
C CYS G 97 18.97 8.77 -17.99
N PRO H 10 28.83 9.58 15.40
CA PRO H 10 28.48 9.68 13.94
C PRO H 10 27.04 10.06 13.65
N VAL H 11 26.81 10.87 12.61
CA VAL H 11 25.53 11.60 12.49
C VAL H 11 24.45 10.63 12.05
N LEU H 12 24.69 9.70 11.12
CA LEU H 12 23.57 8.80 10.74
C LEU H 12 23.60 7.57 11.61
N ARG H 13 22.71 7.51 12.61
CA ARG H 13 22.63 6.42 13.58
C ARG H 13 21.31 6.49 14.32
N SER H 14 20.84 5.36 14.83
CA SER H 14 19.66 5.29 15.70
C SER H 14 19.95 5.94 17.05
N VAL H 15 18.92 6.51 17.66
CA VAL H 15 18.96 7.01 19.04
C VAL H 15 18.51 5.87 19.93
N ASN H 16 19.23 5.62 21.03
CA ASN H 16 18.79 4.59 21.98
C ASN H 16 17.76 5.16 22.95
N SER H 17 16.59 5.48 22.42
CA SER H 17 15.47 6.09 23.18
C SER H 17 14.83 5.05 24.11
N ARG H 18 14.87 3.79 23.69
CA ARG H 18 14.15 2.65 24.34
C ARG H 18 12.66 2.95 24.48
N GLU H 19 12.07 3.71 23.58
CA GLU H 19 10.61 3.95 23.57
C GLU H 19 10.04 3.20 22.41
N PRO H 20 9.07 2.27 22.59
CA PRO H 20 8.63 1.45 21.46
C PRO H 20 7.80 2.22 20.45
N SER H 21 7.82 1.70 19.21
CA SER H 21 7.11 2.29 18.08
C SER H 21 6.66 1.18 17.13
N GLN H 22 5.35 0.97 17.03
CA GLN H 22 4.81 -0.05 16.09
C GLN H 22 4.88 0.50 14.69
N VAL H 23 5.50 -0.28 13.79
CA VAL H 23 5.76 0.15 12.41
C VAL H 23 5.24 -0.90 11.43
N ILE H 24 4.74 -0.45 10.26
CA ILE H 24 4.38 -1.35 9.16
C ILE H 24 5.36 -1.16 8.01
N PHE H 25 6.16 -2.18 7.72
CA PHE H 25 6.94 -2.32 6.49
C PHE H 25 6.03 -2.89 5.44
N CYS H 26 5.97 -2.22 4.30
CA CYS H 26 5.05 -2.58 3.21
C CYS H 26 5.81 -2.49 1.90
N ASN H 27 5.97 -3.60 1.21
CA ASN H 27 6.85 -3.64 0.03
C ASN H 27 6.01 -3.57 -1.23
N ARG H 28 5.78 -2.38 -1.75
CA ARG H 28 5.09 -2.11 -2.99
C ARG H 28 6.10 -1.96 -4.10
N SER H 29 7.20 -2.69 -3.99
CA SER H 29 8.21 -2.85 -5.06
C SER H 29 8.09 -4.25 -5.62
N PRO H 30 8.56 -4.50 -6.85
CA PRO H 30 8.63 -5.88 -7.37
C PRO H 30 9.88 -6.66 -6.93
N ARG H 31 10.75 -5.96 -6.21
CA ARG H 31 12.01 -6.49 -5.66
C ARG H 31 11.76 -7.15 -4.32
N VAL H 32 12.64 -8.09 -3.98
CA VAL H 32 12.72 -8.67 -2.62
C VAL H 32 13.46 -7.64 -1.78
N VAL H 33 12.85 -7.20 -0.70
CA VAL H 33 13.42 -6.09 0.10
C VAL H 33 14.22 -6.59 1.29
N LEU H 34 15.38 -5.99 1.50
CA LEU H 34 16.17 -6.12 2.73
C LEU H 34 16.00 -4.84 3.53
N PRO H 35 15.29 -4.87 4.67
CA PRO H 35 15.37 -3.74 5.57
C PRO H 35 16.70 -3.73 6.32
N VAL H 36 17.22 -2.53 6.48
CA VAL H 36 18.54 -2.26 7.09
C VAL H 36 18.34 -1.32 8.27
N TRP H 37 18.74 -1.75 9.47
CA TRP H 37 18.68 -0.90 10.69
C TRP H 37 20.07 -0.37 10.95
N LEU H 38 20.22 0.95 11.10
CA LEU H 38 21.53 1.49 11.49
C LEU H 38 21.58 1.25 12.98
N ASN H 39 22.68 0.73 13.54
CA ASN H 39 22.61 0.53 15.02
C ASN H 39 22.96 1.84 15.77
N PHE H 40 23.16 1.76 17.07
CA PHE H 40 23.49 2.97 17.86
C PHE H 40 24.86 3.53 17.42
N ASP H 41 25.79 2.64 17.06
CA ASP H 41 27.09 3.07 16.48
C ASP H 41 26.93 3.71 15.09
N GLY H 42 25.93 3.29 14.36
CA GLY H 42 25.64 3.73 12.99
C GLY H 42 25.99 2.66 11.96
N GLU H 43 26.48 1.51 12.41
CA GLU H 43 26.70 0.33 11.55
C GLU H 43 25.37 -0.29 11.17
N PRO H 44 25.22 -0.66 9.88
CA PRO H 44 24.01 -1.25 9.34
C PRO H 44 23.83 -2.69 9.76
N GLN H 45 22.61 -3.03 10.11
CA GLN H 45 22.19 -4.39 10.51
C GLN H 45 21.13 -4.87 9.56
N PRO H 46 21.34 -5.99 8.85
CA PRO H 46 20.28 -6.58 8.05
C PRO H 46 19.19 -7.28 8.86
N TYR H 47 17.96 -7.17 8.38
CA TYR H 47 16.76 -7.75 9.03
C TYR H 47 16.12 -8.68 8.01
N PRO H 48 15.24 -9.62 8.42
CA PRO H 48 14.71 -10.57 7.44
C PRO H 48 14.01 -9.89 6.25
N THR H 49 14.15 -10.51 5.08
CA THR H 49 13.64 -9.93 3.84
C THR H 49 12.11 -9.99 3.80
N LEU H 50 11.55 -9.09 2.99
CA LEU H 50 10.14 -9.06 2.64
C LEU H 50 9.99 -9.37 1.16
N PRO H 51 9.26 -10.45 0.81
CA PRO H 51 8.96 -10.71 -0.60
C PRO H 51 8.16 -9.58 -1.22
N PRO H 52 8.18 -9.44 -2.57
CA PRO H 52 7.46 -8.34 -3.21
C PRO H 52 5.95 -8.39 -3.01
N GLY H 53 5.31 -7.27 -2.68
CA GLY H 53 3.85 -7.26 -2.48
C GLY H 53 3.46 -7.60 -1.05
N THR H 54 4.40 -7.97 -0.19
CA THR H 54 4.07 -8.41 1.19
C THR H 54 4.28 -7.26 2.14
N GLY H 55 3.57 -7.28 3.26
CA GLY H 55 3.91 -6.39 4.39
C GLY H 55 3.73 -7.07 5.71
N ARG H 56 4.36 -6.52 6.75
CA ARG H 56 4.27 -7.03 8.12
C ARG H 56 4.48 -5.90 9.14
N ARG H 57 3.92 -6.11 10.31
CA ARG H 57 4.14 -5.23 11.47
C ARG H 57 5.54 -5.50 12.03
N ILE H 58 6.12 -4.43 12.55
CA ILE H 58 7.50 -4.39 13.12
C ILE H 58 7.50 -3.66 14.44
N HIS H 59 8.12 -4.29 15.45
CA HIS H 59 8.42 -3.66 16.75
C HIS H 59 9.75 -2.93 16.64
N SER H 60 9.70 -1.61 16.52
CA SER H 60 10.91 -0.76 16.54
C SER H 60 10.72 0.30 17.64
N TYR H 61 11.56 1.33 17.63
CA TYR H 61 11.57 2.37 18.71
C TYR H 61 11.72 3.75 18.08
N ARG H 62 11.25 4.76 18.82
CA ARG H 62 11.38 6.19 18.43
C ARG H 62 12.85 6.57 18.25
N GLY H 63 13.15 7.21 17.11
CA GLY H 63 14.50 7.70 16.80
C GLY H 63 15.36 6.69 16.10
N HIS H 64 14.83 5.52 15.78
CA HIS H 64 15.59 4.41 15.15
C HIS H 64 15.55 4.60 13.63
N LEU H 65 16.68 4.33 13.00
CA LEU H 65 17.02 4.73 11.61
C LEU H 65 16.97 3.50 10.70
N TRP H 66 16.19 3.59 9.62
CA TRP H 66 16.02 2.47 8.66
C TRP H 66 16.31 2.92 7.22
N LEU H 67 16.83 2.02 6.41
CA LEU H 67 16.77 2.18 4.95
C LEU H 67 16.55 0.83 4.32
N PHE H 68 16.21 0.83 3.02
CA PHE H 68 15.71 -0.38 2.32
C PHE H 68 16.41 -0.59 0.98
N ARG H 69 16.73 -1.85 0.71
CA ARG H 69 17.53 -2.24 -0.48
C ARG H 69 16.98 -3.52 -1.10
N ASP H 70 17.28 -3.70 -2.39
CA ASP H 70 17.12 -5.01 -3.07
C ASP H 70 18.00 -6.03 -2.32
N ALA H 71 17.45 -7.15 -1.95
CA ALA H 71 18.19 -8.10 -1.09
C ALA H 71 19.25 -8.84 -1.90
N GLY H 72 19.07 -8.90 -3.23
CA GLY H 72 20.01 -9.60 -4.11
C GLY H 72 21.12 -8.70 -4.62
N THR H 73 20.79 -7.47 -4.97
CA THR H 73 21.70 -6.56 -5.69
C THR H 73 22.14 -5.39 -4.83
N HIS H 74 21.53 -5.18 -3.69
CA HIS H 74 21.79 -3.99 -2.83
C HIS H 74 21.45 -2.68 -3.53
N ASP H 75 20.66 -2.73 -4.62
CA ASP H 75 20.03 -1.55 -5.24
C ASP H 75 19.31 -0.73 -4.17
N GLY H 76 19.37 0.58 -4.30
CA GLY H 76 18.68 1.49 -3.35
C GLY H 76 17.21 1.55 -3.64
N LEU H 77 16.37 1.64 -2.60
CA LEU H 77 14.92 1.75 -2.70
C LEU H 77 14.43 2.98 -1.93
N LEU H 78 13.18 3.40 -2.18
CA LEU H 78 12.59 4.55 -1.44
C LEU H 78 11.66 4.05 -0.34
N VAL H 79 11.51 4.89 0.68
CA VAL H 79 10.56 4.64 1.78
C VAL H 79 9.85 5.96 2.08
N ASN H 80 8.53 5.99 1.87
CA ASN H 80 7.74 7.23 1.95
C ASN H 80 8.43 8.31 1.13
N GLN H 81 8.76 7.94 -0.12
CA GLN H 81 9.28 8.85 -1.17
C GLN H 81 10.64 9.48 -0.81
N THR H 82 11.34 8.96 0.18
CA THR H 82 12.70 9.43 0.50
C THR H 82 13.64 8.26 0.86
N GLU H 83 14.85 8.57 1.33
CA GLU H 83 15.91 7.52 1.47
C GLU H 83 15.85 6.89 2.85
N LEU H 84 15.68 7.69 3.89
CA LEU H 84 15.69 7.17 5.26
C LEU H 84 14.31 7.16 5.90
N PHE H 85 14.13 6.30 6.89
CA PHE H 85 12.87 6.24 7.66
C PHE H 85 13.15 6.31 9.15
N VAL H 86 12.57 7.28 9.85
CA VAL H 86 12.70 7.34 11.32
C VAL H 86 11.29 7.51 11.86
N PRO H 87 10.86 6.66 12.82
CA PRO H 87 9.52 6.82 13.39
C PRO H 87 9.46 7.68 14.67
N SER H 88 8.48 8.58 14.70
CA SER H 88 8.02 9.25 15.92
C SER H 88 7.25 8.30 16.84
N LEU H 89 6.97 8.76 18.04
CA LEU H 89 6.01 8.05 18.92
C LEU H 89 4.68 7.85 18.19
N ASN H 90 4.10 6.66 18.31
CA ASN H 90 2.73 6.45 17.80
C ASN H 90 1.78 7.43 18.46
N VAL H 91 0.89 8.06 17.71
CA VAL H 91 -0.07 8.97 18.40
C VAL H 91 -1.23 8.10 18.90
N ASP H 92 -1.37 7.96 20.22
CA ASP H 92 -2.42 7.09 20.80
C ASP H 92 -2.32 5.68 20.25
N GLY H 93 -1.10 5.16 20.14
CA GLY H 93 -0.85 3.80 19.61
C GLY H 93 -1.32 3.52 18.19
N GLN H 94 -1.28 4.54 17.32
CA GLN H 94 -1.56 4.33 15.88
C GLN H 94 -0.27 3.94 15.18
N PRO H 95 -0.23 2.81 14.44
CA PRO H 95 1.02 2.38 13.82
C PRO H 95 1.57 3.37 12.78
N ILE H 96 2.88 3.39 12.61
CA ILE H 96 3.56 4.31 11.68
C ILE H 96 3.90 3.54 10.42
N PHE H 97 3.53 4.08 9.26
CA PHE H 97 3.61 3.34 7.98
C PHE H 97 4.88 3.74 7.21
N ALA H 98 5.51 2.70 6.66
CA ALA H 98 6.70 2.77 5.80
C ALA H 98 6.37 2.14 4.47
N ASN H 99 6.10 2.96 3.46
CA ASN H 99 5.67 2.49 2.14
C ASN H 99 6.89 2.45 1.25
N ILE H 100 7.35 1.23 1.01
CA ILE H 100 8.62 0.91 0.31
C ILE H 100 8.33 0.67 -1.16
N THR H 101 9.10 1.36 -2.01
CA THR H 101 8.83 1.42 -3.47
C THR H 101 10.13 1.46 -4.27
N LEU H 102 10.01 1.19 -5.57
CA LEU H 102 11.07 1.55 -6.53
C LEU H 102 11.12 3.07 -6.62
N PRO H 103 12.33 3.64 -6.70
CA PRO H 103 12.48 4.97 -7.27
C PRO H 103 12.36 4.91 -8.78
N VAL H 104 12.27 6.11 -9.38
CA VAL H 104 12.39 6.24 -10.83
C VAL H 104 13.86 6.32 -11.15
N TYR H 105 14.50 5.17 -11.37
CA TYR H 105 15.94 5.15 -11.71
C TYR H 105 16.13 5.90 -13.02
N THR H 106 17.33 6.45 -13.25
CA THR H 106 17.72 6.93 -14.58
C THR H 106 17.84 5.74 -15.50
N LEU H 107 17.62 5.92 -16.81
CA LEU H 107 17.75 4.80 -17.74
C LEU H 107 19.14 4.22 -17.66
N LYS H 108 20.15 5.05 -17.40
CA LYS H 108 21.55 4.60 -17.29
C LYS H 108 21.65 3.61 -16.14
N GLU H 109 21.20 4.05 -14.95
CA GLU H 109 21.32 3.24 -13.73
C GLU H 109 20.55 1.93 -13.91
N ARG H 110 19.41 2.00 -14.58
CA ARG H 110 18.53 0.84 -14.74
C ARG H 110 19.17 -0.16 -15.67
N CYS H 111 19.81 0.32 -16.73
CA CYS H 111 20.56 -0.56 -17.66
C CYS H 111 21.74 -1.19 -16.95
N LEU H 112 22.39 -0.43 -16.06
CA LEU H 112 23.51 -0.97 -15.27
C LEU H 112 23.02 -2.16 -14.45
N GLN H 113 21.86 -2.01 -13.84
CA GLN H 113 21.23 -3.07 -13.00
C GLN H 113 21.04 -4.34 -13.78
N VAL H 114 20.55 -4.21 -15.02
CA VAL H 114 20.16 -5.39 -15.82
C VAL H 114 21.41 -6.13 -16.29
N VAL H 115 22.41 -5.37 -16.72
CA VAL H 115 23.69 -5.94 -17.16
C VAL H 115 24.38 -6.62 -15.98
N ARG H 116 24.36 -5.96 -14.82
CA ARG H 116 24.92 -6.56 -13.59
C ARG H 116 24.27 -7.91 -13.33
N SER H 117 22.97 -7.99 -13.53
CA SER H 117 22.16 -9.20 -13.23
C SER H 117 22.49 -10.37 -14.18
N LEU H 118 23.15 -10.06 -15.29
CA LEU H 118 23.36 -11.00 -16.40
C LEU H 118 24.82 -11.40 -16.61
N VAL H 119 25.74 -10.70 -15.97
CA VAL H 119 27.19 -10.85 -16.24
C VAL H 119 27.94 -11.00 -14.91
N LYS H 120 28.79 -12.01 -14.79
CA LYS H 120 29.69 -12.11 -13.62
C LYS H 120 30.63 -10.90 -13.64
N PRO H 121 30.91 -10.29 -12.45
CA PRO H 121 31.77 -9.11 -12.39
C PRO H 121 33.13 -9.28 -13.07
N GLU H 122 33.67 -10.49 -13.10
CA GLU H 122 34.96 -10.74 -13.79
C GLU H 122 34.84 -10.69 -15.30
N ASN H 123 33.61 -10.66 -15.82
CA ASN H 123 33.38 -10.64 -17.28
C ASN H 123 32.96 -9.26 -17.77
N TYR H 124 32.72 -8.31 -16.87
CA TYR H 124 32.26 -6.94 -17.23
C TYR H 124 33.12 -6.42 -18.40
N ARG H 125 34.42 -6.66 -18.33
CA ARG H 125 35.39 -6.07 -19.27
C ARG H 125 35.55 -6.90 -20.55
N ARG H 126 34.76 -7.95 -20.73
CA ARG H 126 34.64 -8.68 -22.00
C ARG H 126 33.40 -8.25 -22.80
N LEU H 127 32.60 -7.36 -22.23
CA LEU H 127 31.47 -6.71 -22.92
C LEU H 127 31.96 -5.68 -23.92
N ASP H 128 31.28 -5.60 -25.06
CA ASP H 128 31.72 -4.74 -26.19
C ASP H 128 31.22 -3.31 -25.97
N ILE H 129 31.85 -2.57 -25.04
CA ILE H 129 31.37 -1.22 -24.61
C ILE H 129 32.54 -0.31 -24.21
N VAL H 130 32.27 1.00 -24.22
CA VAL H 130 33.19 2.12 -23.85
C VAL H 130 33.89 1.76 -22.53
N ARG H 131 35.17 2.13 -22.41
CA ARG H 131 36.01 1.94 -21.19
C ARG H 131 35.29 2.48 -19.94
N SER H 132 34.68 3.67 -19.99
CA SER H 132 34.10 4.35 -18.79
C SER H 132 32.88 3.55 -18.29
N LEU H 133 32.20 2.82 -19.18
CA LEU H 133 31.02 2.01 -18.73
C LEU H 133 31.44 0.83 -17.86
N TYR H 134 32.62 0.29 -18.13
CA TYR H 134 33.20 -0.77 -17.29
C TYR H 134 33.32 -0.27 -15.87
N GLU H 135 33.89 0.92 -15.69
CA GLU H 135 34.05 1.51 -14.35
C GLU H 135 32.68 1.65 -13.71
N ASP H 136 31.73 2.18 -14.48
CA ASP H 136 30.35 2.42 -13.98
C ASP H 136 29.73 1.10 -13.56
N LEU H 137 29.95 0.04 -14.32
CA LEU H 137 29.37 -1.29 -13.99
C LEU H 137 29.99 -1.82 -12.70
N GLU H 138 31.31 -1.64 -12.54
CA GLU H 138 32.05 -2.21 -11.39
C GLU H 138 31.67 -1.48 -10.11
N ASP H 139 31.25 -0.22 -10.22
CA ASP H 139 30.76 0.59 -9.08
C ASP H 139 29.40 0.09 -8.65
N HIS H 140 29.37 -1.01 -7.89
CA HIS H 140 28.14 -1.64 -7.37
C HIS H 140 27.41 -0.72 -6.41
N PRO H 141 26.07 -0.80 -6.28
CA PRO H 141 25.42 0.00 -5.24
C PRO H 141 25.94 -0.41 -3.86
N ASN H 142 26.21 0.58 -3.03
CA ASN H 142 26.89 0.28 -1.74
C ASN H 142 26.17 1.00 -0.61
N VAL H 143 25.79 0.28 0.45
CA VAL H 143 25.08 0.90 1.59
C VAL H 143 26.02 1.88 2.29
N GLN H 144 27.27 1.45 2.52
CA GLN H 144 28.30 2.31 3.15
C GLN H 144 28.53 3.56 2.32
N LYS H 145 28.66 3.42 1.00
CA LYS H 145 28.86 4.61 0.12
C LYS H 145 27.66 5.56 0.16
N ASP H 146 26.45 5.01 0.21
CA ASP H 146 25.22 5.82 0.24
C ASP H 146 25.19 6.63 1.55
N LEU H 147 25.72 6.01 2.61
CA LEU H 147 25.67 6.70 3.95
C LEU H 147 26.59 7.92 3.94
N GLU H 148 27.77 7.78 3.33
CA GLU H 148 28.72 8.91 3.26
C GLU H 148 28.09 10.01 2.40
N ARG H 149 27.45 9.61 1.32
CA ARG H 149 26.84 10.62 0.41
C ARG H 149 25.71 11.33 1.16
N LEU H 150 24.93 10.55 1.90
CA LEU H 150 23.78 11.13 2.64
C LEU H 150 24.26 12.01 3.79
N THR H 151 25.36 11.61 4.45
CA THR H 151 25.83 12.40 5.60
C THR H 151 26.23 13.80 5.13
N GLN H 152 26.92 13.88 3.99
CA GLN H 152 27.44 15.18 3.50
C GLN H 152 26.27 16.09 3.13
N GLU H 153 25.30 15.53 2.41
CA GLU H 153 24.03 16.22 2.04
C GLU H 153 23.35 16.78 3.28
N ARG H 154 23.42 16.10 4.41
CA ARG H 154 22.73 16.54 5.64
C ARG H 154 23.45 17.75 6.26
N ILE H 155 24.77 17.76 6.10
CA ILE H 155 25.69 18.81 6.63
C ILE H 155 25.52 20.11 5.83
N ALA H 156 25.06 19.96 4.59
CA ALA H 156 24.83 21.06 3.65
C ALA H 156 23.47 21.75 3.88
N HIS H 157 22.62 21.24 4.80
CA HIS H 157 21.25 21.77 5.09
C HIS H 157 21.28 22.73 6.29
N GLN H 158 22.47 23.23 6.66
CA GLN H 158 22.71 24.19 7.78
C GLN H 158 23.78 25.19 7.32
N1 QLX I . -4.70 21.79 3.52
C7 QLX I . -5.42 19.94 6.21
C8 QLX I . -5.18 21.44 5.88
N2 QLX I . -3.50 25.09 1.88
C9 QLX I . -5.63 21.82 4.47
O1 QLX I . -4.65 20.00 8.51
C1 QLX I . -7.42 25.18 7.98
O5 QLX I . -7.01 29.37 3.07
C5 QLX I . -6.70 21.22 7.75
C6 QLX I . -5.84 19.95 7.67
N3 QLX I . -4.24 28.74 -1.62
C4 QLX I . -5.74 23.49 7.02
O4 QLX I . -5.29 26.74 4.01
C3 QLX I . -6.24 24.20 8.27
O3 QLX I . -2.90 23.79 3.64
C2 QLX I . -6.93 26.57 8.23
N4 QLX I . -0.98 29.33 0.91
CL QLX I . -1.56 29.84 7.48
C37 QLX I . -1.14 29.63 5.82
C36 QLX I . -2.15 29.56 4.87
C35 QLX I . -1.82 29.30 3.55
C38 QLX I . 0.18 29.47 5.47
C39 QLX I . 0.51 29.22 4.15
C34 QLX I . -0.49 29.12 3.18
C24 QLX I . -0.14 28.87 1.77
C25 QLX I . 1.15 28.19 1.48
C29 QLX I . 1.71 26.99 2.11
C30 QLX I . 1.06 26.19 3.20
C27 QLX I . 2.91 26.66 1.58
C28 QLX I . 3.85 25.55 1.97
S QLX I . 3.38 27.71 0.31
C26 QLX I . 1.98 28.65 0.51
N5 QLX I . 1.75 29.68 -0.33
C33 QLX I . 0.51 30.00 -0.85
N7 QLX I . 0.62 31.05 -1.64
N6 QLX I . 1.97 31.44 -1.66
C31 QLX I . 2.63 30.62 -0.89
C32 QLX I . 4.10 30.66 -0.65
C23 QLX I . -0.69 29.16 -0.51
C22 QLX I . -1.93 29.47 -1.35
C21 QLX I . -3.01 28.38 -1.25
O7 QLX I . -2.74 27.25 -0.86
C20 QLX I . -5.45 28.25 -0.99
C19 QLX I . -6.44 29.37 -0.84
O6 QLX I . -6.77 29.50 0.53
C18 QLX I . -7.74 28.57 0.97
C17 QLX I . -8.17 28.98 2.33
C16 QLX I . -6.81 28.64 4.28
C15 QLX I . -6.66 27.12 4.06
C14 QLX I . -4.76 26.98 2.72
C13 QLX I . -3.41 26.35 2.60
C12 QLX I . -3.30 23.92 2.47
C11 QLX I . -3.64 22.71 1.62
C10 QLX I . -4.95 22.15 2.13
C40 QLX I . -5.41 20.98 1.27
C45 QLX I . -4.98 19.69 1.58
C44 QLX I . -5.47 18.59 0.90
C43 QLX I . -6.38 18.74 -0.14
C46 QLX I . -6.90 17.55 -0.89
S1 QLX I . -7.36 16.07 -0.04
C49 QLX I . -7.72 15.37 -1.58
N8 QLX I . -7.54 16.14 -2.62
C47 QLX I . -7.07 17.39 -2.24
C48 QLX I . -6.86 18.43 -3.28
C42 QLX I . -6.79 20.03 -0.48
C41 QLX I . -6.31 21.13 0.22
O2 QLX I . -6.77 22.14 4.28
N QLX I . -5.97 22.16 6.88
O QLX I . -5.01 24.09 6.24
C QLX I . -8.10 25.05 6.63
C50 QLX I . -5.05 24.96 8.78
O8 QLX I . -4.85 24.94 10.12
N9 QLX I . -3.75 25.79 10.44
C52 QLX I . -3.36 26.26 9.23
C53 QLX I . -2.12 27.09 9.11
C51 QLX I . -4.16 25.76 8.20
C1 MLI J . -0.23 7.30 -8.71
C2 MLI J . -1.19 8.45 -8.38
C3 MLI J . 0.56 6.73 -7.51
O6 MLI J . -1.00 9.55 -8.92
O7 MLI J . -2.13 8.24 -7.58
O8 MLI J . 0.58 7.40 -6.44
O9 MLI J . 1.18 5.62 -7.64
N1 QLX K . 12.86 -5.78 16.83
C7 QLX K . 14.15 -3.16 15.40
C8 QLX K . 14.20 -3.76 16.81
N2 QLX K . 12.21 -7.66 20.04
C9 QLX K . 14.11 -5.29 16.79
O1 QLX K . 14.23 -0.85 16.05
C1 QLX K . 18.18 -4.05 19.37
O5 QLX K . 16.20 -9.86 23.28
C5 QLX K . 16.14 -2.34 16.42
C6 QLX K . 15.00 -1.91 15.48
N3 QLX K . 12.31 -12.70 22.11
C4 QLX K . 15.79 -3.54 18.62
O4 QLX K . 15.72 -7.76 20.73
C3 QLX K . 17.07 -2.96 19.21
O3 QLX K . 11.25 -5.69 19.48
C2 QLX K . 18.64 -4.18 20.80
N4 QLX K . 10.52 -9.83 24.20
CL QLX K . 14.03 -4.53 26.23
C37 QLX K . 12.88 -5.69 25.66
C36 QLX K . 13.31 -6.73 24.85
C35 QLX K . 12.40 -7.69 24.42
C38 QLX K . 11.55 -5.58 26.03
C39 QLX K . 10.65 -6.55 25.62
C34 QLX K . 11.06 -7.61 24.81
C24 QLX K . 10.09 -8.64 24.35
C25 QLX K . 8.71 -8.22 24.15
C29 QLX K . 8.27 -7.04 23.47
C30 QLX K . 9.18 -6.05 22.81
C27 QLX K . 6.93 -6.91 23.52
C28 QLX K . 6.06 -5.80 22.99
S QLX K . 6.18 -8.23 24.38
C26 QLX K . 7.65 -8.94 24.66
N5 QLX K . 7.67 -10.13 25.23
C33 QLX K . 8.53 -11.11 24.79
N7 QLX K . 8.35 -12.21 25.47
N6 QLX K . 7.34 -11.97 26.42
C31 QLX K . 6.95 -10.73 26.29
C32 QLX K . 5.97 -10.06 27.18
C23 QLX K . 9.58 -10.87 23.73
C22 QLX K . 10.33 -12.15 23.37
C21 QLX K . 11.21 -11.97 22.15
O7 QLX K . 10.92 -11.16 21.28
C20 QLX K . 13.27 -12.64 21.01
C19 QLX K . 14.69 -12.87 21.46
O6 QLX K . 15.41 -11.63 21.50
C18 QLX K . 16.78 -11.80 21.90
C17 QLX K . 17.16 -10.90 23.08
C16 QLX K . 16.58 -8.55 22.84
C15 QLX K . 16.74 -8.54 21.33
C14 QLX K . 14.43 -8.35 20.76
C13 QLX K . 13.39 -7.26 20.80
C12 QLX K . 11.59 -6.84 19.18
C11 QLX K . 11.36 -7.41 17.78
C10 QLX K . 12.53 -7.20 16.79
C40 QLX K . 12.18 -7.66 15.38
C45 QLX K . 11.60 -6.80 14.48
C44 QLX K . 11.32 -7.18 13.17
C43 QLX K . 11.62 -8.47 12.72
C46 QLX K . 11.41 -8.85 11.31
S1 QLX K . 11.57 -7.63 10.03
C49 QLX K . 11.12 -8.84 8.89
N8 QLX K . 10.88 -10.03 9.36
C47 QLX K . 11.05 -10.05 10.74
C48 QLX K . 10.91 -11.37 11.44
C42 QLX K . 12.20 -9.35 13.64
C41 QLX K . 12.47 -8.96 14.94
O2 QLX K . 15.13 -5.98 16.73
N QLX K . 15.46 -3.23 17.36
O QLX K . 15.07 -4.25 19.31
C QLX K . 17.84 -5.42 18.79
C50 QLX K . 16.52 -2.29 20.45
O8 QLX K . 16.62 -0.94 20.50
N9 QLX K . 15.93 -0.46 21.64
C52 QLX K . 15.46 -1.61 22.24
C53 QLX K . 14.69 -1.60 23.53
C51 QLX K . 15.85 -2.75 21.50
#